data_6TY3
#
_entry.id   6TY3
#
_entity_poly.entity_id   1
_entity_poly.type   'polypeptide(L)'
_entity_poly.pdbx_seq_one_letter_code
;GPGAMERVLKVFHYFENSSEPTTWASIIRHGDATDVRGIIQKIVDCHKVKNVACYGLRLSHLQSEEVHWLHLDMGVSNVR
EKFELAHPPEEWKYELRIRYLPKGFLNQFTEDKPTLNFFYQQVKNDYMLEIADQVDQEIALKLGCLEIRRSYGEMRGNAL
EKKSNYEVLEKDVGLRRFFPKSLLDSVKAKTLRKLIQQTFRQFANLNREESILKFFEILSPVYRFDKECFKCALGSSWII
SVELAIGPEEGISYLTDKGANPTHLADFNQVQTIQYSNSEDKDRKGMLQLKIAGAPEPLTVTAPSLTIAENMADLIDGYC
RLVNGATQSFIIRPQKEGERALPSIPKLANNEKQGVRSHTVSVSETDDYAEIIDEEDTYTMPSTRDYEIQRERIELGRCI
GEGQFGDVHQGIYMSPENPAMAVAIKTCKNCTSDSVREKFLQEALTMRQFDHPHIVKLIGVITENPVWIIMELCTLGELR
SFLQVRKFSLDLASLILYAYQLSTALAYLESKRFVHRDIAARNVLVSATDCVKLGDFGLSRYMEDSTYYKASKGKLPIKW
MAPESINFRRFTSASDVWMFGVCMWEILMHGVKPFQGVKNNDVIGRIENGERLPMPPNCPPTLYSLMTKCWAYDPSRRPR
FTELKAQLSTILEEEKLQ
;
_entity_poly.pdbx_strand_id   A,B
#
# COMPACT_ATOMS: atom_id res chain seq x y z
N ARG A 7 -21.87 -2.01 13.36
CA ARG A 7 -20.66 -2.86 13.54
C ARG A 7 -20.45 -3.70 12.29
N VAL A 8 -19.32 -3.52 11.60
CA VAL A 8 -19.01 -4.28 10.36
C VAL A 8 -18.30 -5.59 10.74
N LEU A 9 -18.14 -6.50 9.77
CA LEU A 9 -17.49 -7.78 9.99
C LEU A 9 -16.95 -8.41 8.72
N LYS A 10 -15.80 -9.06 8.86
CA LYS A 10 -15.14 -9.79 7.80
C LYS A 10 -15.17 -11.28 8.09
N VAL A 11 -15.52 -12.07 7.08
CA VAL A 11 -15.53 -13.52 7.16
C VAL A 11 -15.09 -14.07 5.81
N PHE A 12 -14.28 -15.13 5.85
CA PHE A 12 -13.99 -15.89 4.64
C PHE A 12 -15.11 -16.87 4.39
N HIS A 13 -15.65 -16.82 3.18
CA HIS A 13 -16.72 -17.69 2.73
C HIS A 13 -16.15 -18.66 1.70
N TYR A 14 -16.94 -19.64 1.28
CA TYR A 14 -16.51 -20.61 0.28
C TYR A 14 -17.45 -20.61 -0.92
N PHE A 15 -17.96 -19.43 -1.29
CA PHE A 15 -18.57 -19.20 -2.59
C PHE A 15 -17.49 -18.85 -3.59
N GLU A 16 -17.66 -19.33 -4.82
CA GLU A 16 -16.59 -19.22 -5.81
C GLU A 16 -16.50 -17.81 -6.39
N ASN A 17 -15.27 -17.41 -6.69
CA ASN A 17 -14.97 -16.17 -7.39
C ASN A 17 -13.72 -16.40 -8.22
N SER A 18 -13.15 -15.31 -8.75
CA SER A 18 -11.86 -15.36 -9.42
C SER A 18 -10.68 -15.23 -8.46
N SER A 19 -10.92 -14.79 -7.22
CA SER A 19 -9.88 -14.83 -6.20
C SER A 19 -9.50 -16.28 -5.94
N GLU A 20 -8.43 -16.46 -5.17
CA GLU A 20 -7.84 -17.78 -5.05
C GLU A 20 -8.83 -18.73 -4.39
N PRO A 21 -8.69 -20.03 -4.65
CA PRO A 21 -9.67 -20.99 -4.11
C PRO A 21 -9.81 -20.94 -2.60
N THR A 22 -8.81 -20.42 -1.89
CA THR A 22 -8.86 -20.24 -0.45
C THR A 22 -8.88 -18.76 -0.08
N THR A 23 -9.36 -17.92 -1.01
CA THR A 23 -9.38 -16.48 -0.82
C THR A 23 -10.74 -15.95 -1.23
N TRP A 24 -11.77 -16.56 -0.67
CA TRP A 24 -13.15 -16.24 -0.97
C TRP A 24 -13.68 -15.51 0.25
N ALA A 25 -13.48 -14.19 0.26
CA ALA A 25 -13.74 -13.34 1.42
C ALA A 25 -14.79 -12.29 1.11
N SER A 26 -15.43 -11.80 2.14
CA SER A 26 -16.44 -10.73 2.04
C SER A 26 -16.48 -10.00 3.38
N ILE A 27 -17.08 -8.81 3.40
CA ILE A 27 -17.25 -8.03 4.65
C ILE A 27 -18.75 -7.89 4.86
N ILE A 28 -19.24 -8.20 6.06
CA ILE A 28 -20.70 -7.99 6.26
C ILE A 28 -20.87 -6.94 7.34
N ARG A 29 -21.76 -5.96 7.11
CA ARG A 29 -22.04 -4.93 8.13
C ARG A 29 -23.37 -5.29 8.79
N HIS A 30 -23.37 -5.51 10.11
CA HIS A 30 -24.54 -5.92 10.91
C HIS A 30 -24.62 -5.15 12.23
N GLY A 31 -25.83 -5.07 12.81
CA GLY A 31 -26.12 -4.41 14.09
C GLY A 31 -25.79 -5.32 15.26
N ASP A 32 -25.80 -4.77 16.48
CA ASP A 32 -25.46 -5.57 17.69
C ASP A 32 -26.47 -6.73 17.80
N ALA A 33 -27.74 -6.45 17.53
CA ALA A 33 -28.81 -7.49 17.60
C ALA A 33 -28.51 -8.71 16.69
N THR A 34 -27.74 -8.52 15.61
CA THR A 34 -27.45 -9.62 14.65
C THR A 34 -26.77 -10.81 15.35
N ASP A 35 -27.15 -12.03 14.95
CA ASP A 35 -26.64 -13.32 15.51
C ASP A 35 -25.99 -14.13 14.40
N VAL A 36 -25.23 -15.18 14.73
CA VAL A 36 -24.49 -16.02 13.74
C VAL A 36 -25.51 -16.62 12.78
N ARG A 37 -26.64 -17.10 13.29
CA ARG A 37 -27.73 -17.69 12.48
C ARG A 37 -28.27 -16.64 11.51
N GLY A 38 -28.46 -15.41 11.99
CA GLY A 38 -28.99 -14.27 11.22
C GLY A 38 -28.04 -13.83 10.10
N ILE A 39 -26.73 -13.80 10.40
CA ILE A 39 -25.66 -13.38 9.45
C ILE A 39 -25.60 -14.36 8.28
N ILE A 40 -25.74 -15.66 8.56
CA ILE A 40 -25.68 -16.71 7.57
C ILE A 40 -26.82 -16.55 6.57
N GLN A 41 -27.94 -15.99 7.01
CA GLN A 41 -29.05 -15.72 6.10
C GLN A 41 -28.61 -14.80 4.98
N LYS A 42 -27.96 -13.68 5.35
CA LYS A 42 -27.39 -12.79 4.36
C LYS A 42 -26.40 -13.53 3.47
N ILE A 43 -25.55 -14.34 4.09
CA ILE A 43 -24.44 -14.97 3.37
C ILE A 43 -24.99 -15.89 2.30
N VAL A 44 -26.06 -16.61 2.62
CA VAL A 44 -26.60 -17.58 1.67
C VAL A 44 -27.49 -16.90 0.65
N ASP A 45 -28.23 -15.88 1.09
CA ASP A 45 -29.05 -15.13 0.17
C ASP A 45 -28.22 -14.35 -0.83
N CYS A 46 -26.93 -14.19 -0.58
CA CYS A 46 -26.03 -13.69 -1.61
C CYS A 46 -26.02 -14.57 -2.86
N HIS A 47 -26.38 -15.86 -2.72
CA HIS A 47 -26.20 -16.82 -3.80
C HIS A 47 -27.34 -17.82 -3.96
N LYS A 48 -28.46 -17.64 -3.27
CA LYS A 48 -29.66 -18.47 -3.48
C LYS A 48 -29.39 -19.94 -3.21
N VAL A 49 -29.12 -20.23 -1.96
CA VAL A 49 -28.96 -21.61 -1.50
C VAL A 49 -30.31 -22.10 -0.98
N LYS A 50 -30.52 -23.41 -1.09
CA LYS A 50 -31.79 -24.04 -0.75
C LYS A 50 -31.91 -24.42 0.72
N ASN A 51 -31.02 -23.93 1.57
CA ASN A 51 -30.86 -24.46 2.92
C ASN A 51 -31.02 -23.33 3.93
N VAL A 52 -31.74 -23.61 5.01
CA VAL A 52 -32.13 -22.60 5.98
C VAL A 52 -31.41 -22.80 7.31
N ALA A 53 -31.17 -24.05 7.70
CA ALA A 53 -30.66 -24.38 9.03
C ALA A 53 -29.56 -25.42 8.94
N CYS A 54 -28.65 -25.24 7.99
CA CYS A 54 -27.64 -26.25 7.67
C CYS A 54 -26.22 -25.77 7.95
N TYR A 55 -25.81 -24.66 7.36
CA TYR A 55 -24.45 -24.18 7.56
C TYR A 55 -24.30 -23.64 8.98
N GLY A 56 -23.23 -24.06 9.65
CA GLY A 56 -22.84 -23.51 10.93
C GLY A 56 -21.72 -22.48 10.78
N LEU A 57 -21.30 -21.94 11.92
CA LEU A 57 -20.23 -20.96 11.98
C LEU A 57 -19.14 -21.47 12.92
N ARG A 58 -17.89 -21.39 12.47
CA ARG A 58 -16.73 -21.79 13.25
C ARG A 58 -15.80 -20.59 13.42
N LEU A 59 -15.40 -20.35 14.66
CA LEU A 59 -14.31 -19.43 14.98
C LEU A 59 -13.02 -20.23 15.07
N SER A 60 -11.89 -19.54 14.90
CA SER A 60 -10.63 -20.24 14.79
C SER A 60 -9.44 -19.33 15.05
N HIS A 61 -8.42 -19.89 15.71
CA HIS A 61 -7.14 -19.22 15.89
C HIS A 61 -6.25 -19.49 14.69
N LEU A 62 -5.59 -18.44 14.20
CA LEU A 62 -4.80 -18.55 12.98
C LEU A 62 -3.61 -19.47 13.18
N GLN A 63 -2.87 -19.27 14.27
CA GLN A 63 -1.62 -19.97 14.51
C GLN A 63 -1.82 -21.17 15.43
N SER A 64 -3.00 -21.77 15.37
CA SER A 64 -3.30 -22.92 16.22
C SER A 64 -4.44 -23.70 15.59
N GLU A 65 -4.55 -24.96 16.03
CA GLU A 65 -5.61 -25.86 15.57
C GLU A 65 -6.85 -25.79 16.45
N GLU A 66 -6.97 -24.77 17.29
CA GLU A 66 -8.14 -24.59 18.12
C GLU A 66 -9.20 -23.83 17.35
N VAL A 67 -10.46 -24.26 17.49
CA VAL A 67 -11.59 -23.64 16.83
C VAL A 67 -12.74 -23.55 17.83
N HIS A 68 -13.79 -22.82 17.43
CA HIS A 68 -14.97 -22.66 18.28
C HIS A 68 -16.18 -22.53 17.37
N TRP A 69 -16.94 -23.60 17.23
CA TRP A 69 -18.26 -23.52 16.64
C TRP A 69 -19.18 -22.75 17.57
N LEU A 70 -20.06 -21.94 17.00
CA LEU A 70 -20.79 -20.96 17.78
C LEU A 70 -22.30 -21.06 17.57
N HIS A 71 -23.00 -20.75 18.64
CA HIS A 71 -24.45 -20.88 18.75
C HIS A 71 -25.14 -19.74 18.01
N LEU A 72 -26.42 -19.93 17.73
CA LEU A 72 -27.15 -19.09 16.79
C LEU A 72 -27.46 -17.72 17.37
N ASP A 73 -28.25 -17.68 18.44
CA ASP A 73 -28.77 -16.42 18.97
C ASP A 73 -27.73 -15.57 19.68
N MET A 74 -26.49 -16.03 19.76
CA MET A 74 -25.42 -15.23 20.33
C MET A 74 -25.27 -13.92 19.57
N GLY A 75 -24.84 -12.87 20.28
CA GLY A 75 -24.55 -11.60 19.64
C GLY A 75 -23.18 -11.63 18.99
N VAL A 76 -23.10 -11.12 17.76
CA VAL A 76 -21.81 -11.06 17.04
C VAL A 76 -20.81 -10.27 17.86
N SER A 77 -21.17 -9.05 18.24
CA SER A 77 -20.28 -8.23 19.05
C SER A 77 -20.03 -8.87 20.40
N ASN A 78 -20.98 -9.62 20.94
CA ASN A 78 -20.74 -10.32 22.20
C ASN A 78 -19.61 -11.32 22.04
N VAL A 79 -19.58 -12.04 20.92
CA VAL A 79 -18.48 -12.95 20.64
C VAL A 79 -17.19 -12.18 20.45
N ARG A 80 -17.26 -11.14 19.62
CA ARG A 80 -16.05 -10.41 19.26
C ARG A 80 -15.42 -9.83 20.51
N GLU A 81 -16.24 -9.33 21.43
CA GLU A 81 -15.75 -9.04 22.76
C GLU A 81 -15.14 -10.28 23.39
N LYS A 82 -15.99 -11.27 23.70
CA LYS A 82 -15.64 -12.35 24.62
C LYS A 82 -14.36 -13.08 24.22
N PHE A 83 -13.96 -12.96 22.95
CA PHE A 83 -12.79 -13.65 22.45
C PHE A 83 -11.67 -12.73 21.96
N GLU A 84 -11.96 -11.58 21.35
CA GLU A 84 -10.87 -10.66 21.03
C GLU A 84 -10.23 -10.09 22.28
N LEU A 85 -10.98 -10.01 23.39
CA LEU A 85 -10.34 -9.60 24.65
C LEU A 85 -9.28 -10.60 25.09
N ALA A 86 -9.32 -11.82 24.57
CA ALA A 86 -8.30 -12.82 24.85
C ALA A 86 -7.07 -12.67 23.96
N HIS A 87 -7.26 -12.46 22.66
CA HIS A 87 -6.15 -12.34 21.74
C HIS A 87 -6.53 -11.37 20.62
N PRO A 88 -5.55 -10.85 19.88
CA PRO A 88 -5.86 -9.86 18.84
C PRO A 88 -6.66 -10.47 17.70
N PRO A 89 -7.24 -9.64 16.83
CA PRO A 89 -7.95 -10.18 15.67
C PRO A 89 -7.03 -10.84 14.67
N GLU A 90 -5.73 -10.58 14.73
CA GLU A 90 -4.76 -11.39 14.01
C GLU A 90 -4.57 -12.76 14.64
N GLU A 91 -5.27 -13.06 15.75
CA GLU A 91 -5.28 -14.38 16.37
C GLU A 91 -6.70 -14.89 16.57
N TRP A 92 -7.64 -14.45 15.73
CA TRP A 92 -9.00 -14.96 15.69
C TRP A 92 -9.47 -14.96 14.25
N LYS A 93 -10.41 -15.85 13.94
CA LYS A 93 -10.87 -15.96 12.55
C LYS A 93 -12.20 -16.68 12.49
N TYR A 94 -13.22 -15.98 12.00
CA TYR A 94 -14.49 -16.61 11.68
C TYR A 94 -14.36 -17.48 10.45
N GLU A 95 -15.19 -18.52 10.40
CA GLU A 95 -15.14 -19.48 9.31
C GLU A 95 -16.55 -20.02 9.07
N LEU A 96 -17.16 -19.63 7.96
CA LEU A 96 -18.48 -20.12 7.58
C LEU A 96 -18.32 -21.49 6.93
N ARG A 97 -19.03 -22.48 7.45
CA ARG A 97 -18.73 -23.86 7.10
C ARG A 97 -19.95 -24.74 7.34
N ILE A 98 -20.01 -25.85 6.62
CA ILE A 98 -20.84 -26.99 7.02
C ILE A 98 -20.22 -27.67 8.24
N ARG A 99 -21.10 -28.12 9.12
CA ARG A 99 -20.79 -29.18 10.06
C ARG A 99 -21.80 -30.32 9.97
N TYR A 100 -22.85 -30.17 9.19
CA TYR A 100 -24.04 -30.99 9.23
C TYR A 100 -24.36 -31.57 7.87
N LEU A 101 -24.91 -32.78 7.88
CA LEU A 101 -25.22 -33.51 6.66
C LEU A 101 -26.43 -34.39 6.87
N PRO A 102 -27.49 -34.30 6.05
CA PRO A 102 -28.58 -35.27 6.19
C PRO A 102 -28.14 -36.67 5.77
N LYS A 103 -29.05 -37.63 5.76
CA LYS A 103 -28.68 -39.04 5.66
C LYS A 103 -27.94 -39.35 4.36
N GLY A 104 -28.63 -39.26 3.22
CA GLY A 104 -28.00 -39.41 1.93
C GLY A 104 -27.65 -38.02 1.43
N PHE A 105 -26.79 -37.33 2.19
CA PHE A 105 -26.47 -35.93 1.93
C PHE A 105 -26.04 -35.72 0.49
N LEU A 106 -25.32 -36.71 -0.07
CA LEU A 106 -25.00 -36.68 -1.48
C LEU A 106 -26.25 -36.45 -2.30
N ASN A 107 -27.34 -37.11 -1.94
CA ASN A 107 -28.60 -36.89 -2.64
C ASN A 107 -29.23 -35.55 -2.27
N GLN A 108 -29.41 -35.31 -0.97
CA GLN A 108 -30.18 -34.13 -0.54
C GLN A 108 -29.54 -32.83 -0.96
N PHE A 109 -28.23 -32.83 -1.25
CA PHE A 109 -27.55 -31.65 -1.76
C PHE A 109 -26.91 -31.89 -3.13
N THR A 110 -27.17 -33.04 -3.75
CA THR A 110 -27.03 -33.13 -5.19
C THR A 110 -28.25 -32.53 -5.87
N GLU A 111 -29.37 -32.46 -5.15
CA GLU A 111 -30.46 -31.58 -5.55
C GLU A 111 -30.23 -30.12 -5.13
N ASP A 112 -29.04 -29.77 -4.60
CA ASP A 112 -28.69 -28.40 -4.22
C ASP A 112 -27.26 -28.16 -4.75
N LYS A 113 -27.16 -27.79 -6.02
CA LYS A 113 -25.88 -27.59 -6.70
C LYS A 113 -24.98 -26.52 -6.10
N PRO A 114 -25.49 -25.37 -5.63
CA PRO A 114 -24.56 -24.45 -4.98
C PRO A 114 -23.97 -25.06 -3.72
N THR A 115 -24.80 -25.71 -2.93
CA THR A 115 -24.31 -26.41 -1.77
C THR A 115 -23.49 -27.63 -2.15
N LEU A 116 -23.81 -28.25 -3.29
CA LEU A 116 -22.99 -29.34 -3.83
C LEU A 116 -21.54 -28.88 -3.95
N ASN A 117 -21.33 -27.83 -4.74
CA ASN A 117 -19.99 -27.31 -4.90
C ASN A 117 -19.44 -26.75 -3.60
N PHE A 118 -20.30 -26.27 -2.71
CA PHE A 118 -19.85 -25.69 -1.45
C PHE A 118 -19.16 -26.75 -0.59
N PHE A 119 -19.91 -27.78 -0.22
CA PHE A 119 -19.34 -28.89 0.54
C PHE A 119 -18.19 -29.54 -0.21
N TYR A 120 -18.29 -29.60 -1.53
CA TYR A 120 -17.23 -30.15 -2.35
C TYR A 120 -15.92 -29.43 -2.11
N GLN A 121 -15.90 -28.14 -2.41
CA GLN A 121 -14.71 -27.34 -2.23
C GLN A 121 -14.25 -27.35 -0.78
N GLN A 122 -15.20 -27.31 0.15
CA GLN A 122 -14.87 -27.25 1.56
C GLN A 122 -14.05 -28.46 1.99
N VAL A 123 -14.63 -29.65 1.83
CA VAL A 123 -13.97 -30.84 2.35
C VAL A 123 -12.84 -31.26 1.44
N LYS A 124 -12.86 -30.89 0.15
CA LYS A 124 -11.69 -31.04 -0.69
C LYS A 124 -10.55 -30.22 -0.17
N ASN A 125 -10.86 -29.01 0.27
CA ASN A 125 -9.85 -28.18 0.90
C ASN A 125 -9.28 -28.91 2.10
N ASP A 126 -10.14 -29.26 3.08
CA ASP A 126 -9.72 -30.00 4.26
C ASP A 126 -8.87 -31.22 3.91
N TYR A 127 -9.21 -31.88 2.82
CA TYR A 127 -8.40 -32.98 2.33
C TYR A 127 -7.01 -32.49 1.97
N MET A 128 -6.93 -31.45 1.14
CA MET A 128 -5.63 -30.92 0.76
C MET A 128 -4.87 -30.40 1.96
N LEU A 129 -5.57 -29.99 3.01
CA LEU A 129 -4.91 -29.57 4.24
C LEU A 129 -4.24 -30.75 4.93
N GLU A 130 -4.98 -31.85 5.12
CA GLU A 130 -4.59 -32.88 6.07
C GLU A 130 -4.00 -34.14 5.43
N ILE A 131 -4.53 -34.58 4.30
CA ILE A 131 -4.34 -35.94 3.81
C ILE A 131 -3.71 -35.98 2.42
N ALA A 132 -3.63 -34.85 1.71
CA ALA A 132 -3.07 -34.86 0.37
C ALA A 132 -1.62 -35.32 0.38
N ASP A 133 -0.82 -34.83 1.33
CA ASP A 133 0.57 -35.27 1.36
C ASP A 133 0.70 -36.72 1.82
N GLN A 134 -0.33 -37.27 2.46
CA GLN A 134 -0.28 -38.64 2.95
C GLN A 134 -0.65 -39.63 1.86
N VAL A 135 -1.63 -39.29 1.03
CA VAL A 135 -2.39 -40.27 0.28
C VAL A 135 -1.52 -41.03 -0.73
N ASP A 136 -2.01 -42.20 -1.11
CA ASP A 136 -1.53 -42.94 -2.27
C ASP A 136 -1.42 -42.06 -3.50
N GLN A 137 -0.35 -42.30 -4.25
CA GLN A 137 -0.16 -41.80 -5.60
C GLN A 137 -1.40 -41.92 -6.46
N GLU A 138 -1.94 -43.13 -6.54
CA GLU A 138 -3.04 -43.40 -7.46
C GLU A 138 -4.28 -42.61 -7.07
N ILE A 139 -4.64 -42.64 -5.80
CA ILE A 139 -5.81 -41.90 -5.32
C ILE A 139 -5.63 -40.43 -5.59
N ALA A 140 -4.41 -39.92 -5.39
CA ALA A 140 -4.14 -38.52 -5.66
C ALA A 140 -4.42 -38.20 -7.12
N LEU A 141 -3.95 -39.05 -8.02
CA LEU A 141 -4.18 -38.80 -9.45
C LEU A 141 -5.67 -38.87 -9.77
N LYS A 142 -6.38 -39.82 -9.15
CA LYS A 142 -7.82 -39.93 -9.35
C LYS A 142 -8.50 -38.61 -9.03
N LEU A 143 -8.31 -38.17 -7.79
CA LEU A 143 -8.94 -36.95 -7.33
C LEU A 143 -8.52 -35.77 -8.18
N GLY A 144 -7.26 -35.76 -8.61
CA GLY A 144 -6.77 -34.61 -9.35
C GLY A 144 -7.36 -34.50 -10.74
N CYS A 145 -7.55 -35.63 -11.42
CA CYS A 145 -8.10 -35.56 -12.76
C CYS A 145 -9.61 -35.37 -12.73
N LEU A 146 -10.28 -35.96 -11.73
CA LEU A 146 -11.67 -35.57 -11.48
C LEU A 146 -11.76 -34.08 -11.21
N GLU A 147 -10.73 -33.52 -10.59
CA GLU A 147 -10.73 -32.11 -10.30
C GLU A 147 -10.48 -31.26 -11.54
N ILE A 148 -9.64 -31.76 -12.45
CA ILE A 148 -9.52 -31.12 -13.76
C ILE A 148 -10.89 -31.04 -14.40
N ARG A 149 -11.61 -32.15 -14.38
CA ARG A 149 -12.95 -32.18 -14.95
C ARG A 149 -13.86 -31.19 -14.23
N ARG A 150 -13.70 -31.04 -12.91
CA ARG A 150 -14.50 -30.08 -12.17
C ARG A 150 -14.25 -28.68 -12.69
N SER A 151 -13.00 -28.23 -12.56
CA SER A 151 -12.67 -26.86 -12.86
C SER A 151 -12.96 -26.51 -14.30
N TYR A 152 -12.67 -27.44 -15.20
CA TYR A 152 -12.83 -27.23 -16.63
C TYR A 152 -14.10 -27.93 -17.06
N GLY A 153 -15.20 -27.18 -17.04
CA GLY A 153 -16.52 -27.76 -17.25
C GLY A 153 -16.88 -27.92 -18.71
N GLU A 154 -16.28 -27.13 -19.59
CA GLU A 154 -16.56 -27.17 -21.03
C GLU A 154 -15.33 -27.56 -21.83
N MET A 155 -14.32 -28.15 -21.20
CA MET A 155 -13.10 -28.52 -21.87
C MET A 155 -13.22 -29.89 -22.49
N ARG A 156 -12.42 -30.11 -23.53
CA ARG A 156 -12.45 -31.36 -24.27
C ARG A 156 -11.88 -32.51 -23.43
N GLY A 157 -12.15 -33.71 -23.91
CA GLY A 157 -11.64 -34.92 -23.29
C GLY A 157 -10.29 -35.33 -23.84
N ASN A 158 -9.97 -34.85 -25.04
CA ASN A 158 -8.62 -34.96 -25.59
C ASN A 158 -7.80 -33.72 -25.32
N ALA A 159 -8.19 -32.94 -24.30
CA ALA A 159 -7.65 -31.61 -24.13
C ALA A 159 -6.17 -31.64 -23.75
N LEU A 160 -5.82 -32.46 -22.76
CA LEU A 160 -4.47 -32.50 -22.22
C LEU A 160 -3.58 -33.52 -22.93
N GLU A 161 -3.85 -33.79 -24.20
CA GLU A 161 -3.08 -34.75 -24.97
C GLU A 161 -1.85 -34.14 -25.64
N LYS A 162 -1.46 -32.92 -25.28
CA LYS A 162 -0.48 -32.16 -26.05
C LYS A 162 0.75 -31.81 -25.23
N LYS A 163 1.91 -31.90 -25.90
CA LYS A 163 3.13 -31.29 -25.40
C LYS A 163 2.90 -29.83 -25.04
N SER A 164 2.14 -29.13 -25.88
CA SER A 164 1.81 -27.73 -25.61
C SER A 164 1.09 -27.57 -24.29
N ASN A 165 0.02 -28.35 -24.09
CA ASN A 165 -0.72 -28.27 -22.83
C ASN A 165 0.16 -28.62 -21.65
N TYR A 166 1.06 -29.58 -21.82
CA TYR A 166 1.96 -29.87 -20.71
C TYR A 166 2.83 -28.67 -20.39
N GLU A 167 3.34 -28.01 -21.43
CA GLU A 167 4.11 -26.78 -21.22
C GLU A 167 3.26 -25.76 -20.47
N VAL A 168 1.97 -25.69 -20.80
CA VAL A 168 1.07 -24.80 -20.08
C VAL A 168 1.05 -25.17 -18.60
N LEU A 169 0.71 -26.42 -18.31
CA LEU A 169 0.46 -26.82 -16.94
C LEU A 169 1.71 -26.72 -16.08
N GLU A 170 2.90 -26.79 -16.68
CA GLU A 170 4.12 -26.66 -15.90
C GLU A 170 4.62 -25.23 -15.81
N LYS A 171 4.60 -24.48 -16.92
CA LYS A 171 5.18 -23.15 -16.96
C LYS A 171 4.23 -22.07 -16.45
N ASP A 172 2.92 -22.33 -16.45
CA ASP A 172 1.91 -21.33 -16.13
C ASP A 172 1.07 -21.71 -14.93
N VAL A 173 0.49 -22.91 -14.92
CA VAL A 173 -0.50 -23.24 -13.89
C VAL A 173 0.20 -23.76 -12.66
N GLY A 174 0.84 -24.92 -12.77
CA GLY A 174 1.43 -25.55 -11.61
C GLY A 174 0.36 -26.03 -10.65
N LEU A 175 0.68 -27.05 -9.86
CA LEU A 175 -0.34 -27.84 -9.19
C LEU A 175 -0.05 -28.01 -7.71
N ARG A 176 0.43 -26.95 -7.07
CA ARG A 176 0.40 -26.89 -5.61
C ARG A 176 -1.02 -26.73 -5.12
N ARG A 177 -1.89 -26.13 -5.94
CA ARG A 177 -3.30 -26.06 -5.59
C ARG A 177 -3.89 -27.44 -5.43
N PHE A 178 -3.45 -28.38 -6.27
CA PHE A 178 -4.24 -29.54 -6.62
C PHE A 178 -3.61 -30.84 -6.18
N PHE A 179 -2.32 -31.03 -6.42
CA PHE A 179 -1.60 -32.22 -6.02
C PHE A 179 -0.68 -31.93 -4.85
N PRO A 180 -0.24 -32.96 -4.11
CA PRO A 180 0.59 -32.70 -2.93
C PRO A 180 2.08 -32.51 -3.21
N LYS A 181 2.67 -31.77 -2.29
CA LYS A 181 4.12 -31.68 -2.19
C LYS A 181 4.75 -33.06 -2.18
N SER A 182 4.18 -33.97 -1.38
CA SER A 182 4.75 -35.29 -1.18
C SER A 182 4.92 -36.01 -2.51
N LEU A 183 3.89 -35.96 -3.34
CA LEU A 183 3.96 -36.63 -4.63
C LEU A 183 4.85 -35.86 -5.58
N LEU A 184 4.56 -34.58 -5.76
CA LEU A 184 5.17 -33.84 -6.86
C LEU A 184 6.67 -33.74 -6.68
N ASP A 185 7.14 -33.74 -5.44
CA ASP A 185 8.56 -33.93 -5.17
C ASP A 185 8.86 -35.40 -4.92
N SER A 186 8.34 -36.25 -5.81
CA SER A 186 8.70 -37.67 -5.78
C SER A 186 8.77 -38.30 -7.15
N VAL A 187 8.54 -37.57 -8.24
CA VAL A 187 8.32 -38.14 -9.55
C VAL A 187 8.98 -37.26 -10.61
N LYS A 188 9.51 -37.92 -11.63
CA LYS A 188 10.07 -37.21 -12.78
C LYS A 188 9.00 -36.34 -13.43
N ALA A 189 9.45 -35.32 -14.16
CA ALA A 189 8.52 -34.49 -14.91
C ALA A 189 7.77 -35.32 -15.94
N LYS A 190 8.49 -36.10 -16.74
CA LYS A 190 7.88 -36.91 -17.79
C LYS A 190 7.04 -38.04 -17.20
N THR A 191 7.54 -38.68 -16.15
CA THR A 191 6.75 -39.71 -15.47
C THR A 191 5.44 -39.13 -14.98
N LEU A 192 5.51 -38.00 -14.29
CA LEU A 192 4.32 -37.34 -13.78
C LEU A 192 3.37 -36.98 -14.92
N ARG A 193 3.93 -36.50 -16.03
CA ARG A 193 3.13 -36.23 -17.22
C ARG A 193 2.31 -37.45 -17.59
N LYS A 194 2.98 -38.58 -17.79
CA LYS A 194 2.29 -39.76 -18.31
C LYS A 194 1.31 -40.34 -17.29
N LEU A 195 1.61 -40.18 -15.99
CA LEU A 195 0.63 -40.49 -14.96
C LEU A 195 -0.64 -39.70 -15.20
N ILE A 196 -0.49 -38.38 -15.31
CA ILE A 196 -1.64 -37.51 -15.50
C ILE A 196 -2.35 -37.86 -16.81
N GLN A 197 -1.59 -38.26 -17.82
CA GLN A 197 -2.19 -38.68 -19.09
C GLN A 197 -3.13 -39.85 -18.88
N GLN A 198 -2.58 -40.97 -18.43
CA GLN A 198 -3.35 -42.20 -18.30
C GLN A 198 -4.53 -42.01 -17.36
N THR A 199 -4.38 -41.17 -16.35
CA THR A 199 -5.49 -40.92 -15.44
C THR A 199 -6.53 -39.98 -16.04
N PHE A 200 -6.10 -39.10 -16.94
CA PHE A 200 -7.02 -38.22 -17.64
C PHE A 200 -7.80 -38.95 -18.72
N ARG A 201 -7.28 -40.08 -19.19
CA ARG A 201 -7.97 -40.82 -20.23
C ARG A 201 -9.34 -41.32 -19.77
N GLN A 202 -9.42 -41.73 -18.51
CA GLN A 202 -10.53 -42.58 -18.09
C GLN A 202 -11.76 -41.77 -17.69
N PHE A 203 -11.59 -40.63 -17.02
CA PHE A 203 -12.70 -39.75 -16.64
C PHE A 203 -12.86 -38.61 -17.64
N ALA A 204 -12.61 -38.91 -18.92
CA ALA A 204 -12.40 -37.86 -19.90
C ALA A 204 -13.59 -36.93 -20.09
N ASN A 205 -14.81 -37.38 -19.78
CA ASN A 205 -16.01 -36.67 -20.24
C ASN A 205 -17.14 -36.66 -19.23
N LEU A 206 -16.83 -36.59 -17.94
CA LEU A 206 -17.89 -36.47 -16.95
C LEU A 206 -18.38 -35.02 -16.95
N ASN A 207 -19.15 -34.66 -15.92
CA ASN A 207 -19.43 -33.26 -15.65
C ASN A 207 -19.13 -32.99 -14.20
N ARG A 208 -19.56 -31.81 -13.72
CA ARG A 208 -19.40 -31.43 -12.33
C ARG A 208 -20.02 -32.48 -11.45
N GLU A 209 -21.35 -32.57 -11.45
CA GLU A 209 -22.10 -33.40 -10.50
C GLU A 209 -21.57 -34.83 -10.48
N GLU A 210 -21.23 -35.36 -11.65
CA GLU A 210 -20.72 -36.73 -11.75
C GLU A 210 -19.38 -36.86 -11.03
N SER A 211 -18.39 -36.10 -11.51
CA SER A 211 -17.08 -36.18 -10.88
C SER A 211 -17.12 -35.78 -9.42
N ILE A 212 -18.08 -34.93 -9.04
CA ILE A 212 -18.26 -34.53 -7.65
C ILE A 212 -18.60 -35.75 -6.80
N LEU A 213 -19.65 -36.48 -7.18
CA LEU A 213 -20.01 -37.64 -6.37
C LEU A 213 -18.92 -38.72 -6.45
N LYS A 214 -18.14 -38.75 -7.53
CA LYS A 214 -17.01 -39.67 -7.57
C LYS A 214 -15.93 -39.25 -6.58
N PHE A 215 -15.72 -37.94 -6.44
CA PHE A 215 -14.80 -37.40 -5.45
C PHE A 215 -15.18 -37.88 -4.06
N PHE A 216 -16.47 -37.84 -3.76
CA PHE A 216 -16.92 -38.34 -2.46
C PHE A 216 -16.68 -39.83 -2.33
N GLU A 217 -16.94 -40.58 -3.40
CA GLU A 217 -16.70 -42.01 -3.38
C GLU A 217 -15.25 -42.34 -3.10
N ILE A 218 -14.33 -41.52 -3.63
CA ILE A 218 -12.91 -41.78 -3.42
C ILE A 218 -12.44 -41.28 -2.06
N LEU A 219 -13.12 -40.30 -1.46
CA LEU A 219 -12.77 -39.90 -0.10
C LEU A 219 -13.29 -40.90 0.93
N SER A 220 -14.34 -41.64 0.59
CA SER A 220 -14.91 -42.64 1.51
C SER A 220 -13.90 -43.64 2.05
N PRO A 221 -13.19 -44.42 1.21
CA PRO A 221 -12.30 -45.46 1.77
C PRO A 221 -11.19 -44.90 2.62
N VAL A 222 -10.73 -43.68 2.34
CA VAL A 222 -9.55 -43.12 2.98
C VAL A 222 -9.89 -42.14 4.09
N TYR A 223 -11.16 -41.76 4.23
CA TYR A 223 -11.53 -40.82 5.28
C TYR A 223 -13.03 -40.79 5.43
N ARG A 224 -13.48 -40.83 6.69
CA ARG A 224 -14.91 -40.81 7.01
C ARG A 224 -15.31 -39.39 7.40
N PHE A 225 -15.33 -38.57 6.36
CA PHE A 225 -15.86 -37.21 6.41
C PHE A 225 -17.32 -37.13 6.78
N ASP A 226 -18.05 -38.25 6.79
CA ASP A 226 -19.42 -38.22 7.28
C ASP A 226 -19.47 -37.73 8.72
N LYS A 227 -18.43 -37.98 9.50
CA LYS A 227 -18.39 -37.62 10.91
C LYS A 227 -17.08 -36.91 11.23
N GLU A 228 -17.04 -36.39 12.44
CA GLU A 228 -15.82 -35.98 13.11
C GLU A 228 -15.54 -36.95 14.24
N CYS A 229 -14.32 -36.87 14.78
CA CYS A 229 -13.84 -37.82 15.77
C CYS A 229 -13.38 -37.08 17.01
N PHE A 230 -14.06 -37.34 18.13
CA PHE A 230 -13.75 -36.75 19.42
C PHE A 230 -13.44 -37.83 20.44
N LYS A 231 -12.56 -37.50 21.37
CA LYS A 231 -12.24 -38.36 22.49
C LYS A 231 -13.06 -37.96 23.71
N CYS A 232 -13.39 -38.97 24.51
CA CYS A 232 -14.20 -38.76 25.70
C CYS A 232 -14.16 -40.03 26.51
N ALA A 233 -14.80 -40.00 27.67
CA ALA A 233 -14.89 -41.17 28.53
C ALA A 233 -16.24 -41.16 29.19
N LEU A 234 -16.95 -42.27 29.06
CA LEU A 234 -18.35 -42.35 29.46
C LEU A 234 -18.53 -43.34 30.59
N GLY A 235 -19.65 -43.20 31.26
CA GLY A 235 -19.95 -43.94 32.47
C GLY A 235 -20.44 -42.89 33.45
N SER A 236 -21.64 -43.10 33.98
CA SER A 236 -22.04 -42.37 35.17
C SER A 236 -21.11 -42.68 36.32
N SER A 237 -20.72 -43.94 36.43
CA SER A 237 -20.32 -44.53 37.69
C SER A 237 -18.95 -45.20 37.67
N TRP A 238 -18.65 -46.07 36.70
CA TRP A 238 -17.26 -46.39 36.32
C TRP A 238 -17.10 -45.83 34.92
N ILE A 239 -16.02 -45.09 34.69
CA ILE A 239 -15.95 -44.15 33.58
C ILE A 239 -14.80 -44.53 32.68
N ILE A 240 -15.07 -44.50 31.37
CA ILE A 240 -14.43 -45.39 30.42
C ILE A 240 -14.12 -44.65 29.13
N SER A 241 -12.83 -44.51 28.84
CA SER A 241 -12.40 -43.78 27.66
C SER A 241 -12.92 -44.43 26.39
N VAL A 242 -13.45 -43.59 25.50
CA VAL A 242 -13.81 -43.97 24.15
C VAL A 242 -13.43 -42.82 23.22
N GLU A 243 -13.68 -43.02 21.94
CA GLU A 243 -13.53 -41.97 20.93
C GLU A 243 -14.89 -41.82 20.25
N LEU A 244 -15.72 -40.95 20.81
CA LEU A 244 -17.11 -40.81 20.36
C LEU A 244 -17.14 -39.95 19.10
N ALA A 245 -17.04 -40.62 17.95
CA ALA A 245 -17.10 -39.99 16.63
C ALA A 245 -18.52 -40.17 16.09
N ILE A 246 -19.25 -39.06 15.97
CA ILE A 246 -20.69 -39.09 15.71
C ILE A 246 -20.94 -38.50 14.32
N GLY A 247 -21.87 -39.11 13.60
CA GLY A 247 -22.26 -38.63 12.30
C GLY A 247 -23.64 -39.14 11.91
N PRO A 248 -24.20 -38.57 10.85
CA PRO A 248 -25.52 -39.04 10.38
C PRO A 248 -25.49 -40.47 9.87
N GLU A 249 -24.34 -40.97 9.42
CA GLU A 249 -24.26 -42.31 8.86
C GLU A 249 -24.64 -43.38 9.86
N GLU A 250 -24.56 -43.09 11.16
CA GLU A 250 -24.75 -44.09 12.20
C GLU A 250 -25.83 -43.70 13.21
N GLY A 251 -25.97 -42.41 13.48
CA GLY A 251 -26.76 -41.95 14.62
C GLY A 251 -25.86 -41.69 15.82
N ILE A 252 -25.84 -42.60 16.79
CA ILE A 252 -24.91 -42.54 17.91
C ILE A 252 -24.32 -43.94 18.08
N SER A 253 -22.99 -44.00 18.19
CA SER A 253 -22.25 -45.25 18.29
C SER A 253 -20.91 -44.93 18.92
N TYR A 254 -19.96 -45.86 18.80
CA TYR A 254 -18.57 -45.65 19.21
C TYR A 254 -17.75 -46.83 18.69
N LEU A 255 -16.43 -46.66 18.62
CA LEU A 255 -15.58 -47.76 18.23
C LEU A 255 -14.89 -48.40 19.43
N THR A 256 -14.57 -49.68 19.24
CA THR A 256 -13.59 -50.39 20.05
C THR A 256 -12.35 -50.79 19.28
N ASP A 257 -12.32 -50.61 17.96
CA ASP A 257 -11.13 -50.80 17.15
C ASP A 257 -11.16 -49.80 16.02
N LYS A 258 -10.09 -49.76 15.23
CA LYS A 258 -9.98 -48.79 14.14
C LYS A 258 -11.08 -49.02 13.11
N GLY A 259 -11.06 -50.17 12.44
CA GLY A 259 -11.99 -50.46 11.38
C GLY A 259 -13.29 -51.09 11.82
N ALA A 260 -13.58 -51.08 13.11
CA ALA A 260 -14.80 -51.69 13.60
C ALA A 260 -16.01 -50.91 13.10
N ASN A 261 -17.13 -51.61 12.95
CA ASN A 261 -18.41 -50.96 12.79
C ASN A 261 -18.83 -50.53 14.18
N PRO A 262 -18.95 -49.23 14.46
CA PRO A 262 -19.13 -48.82 15.85
C PRO A 262 -20.46 -49.28 16.41
N THR A 263 -20.38 -49.88 17.59
CA THR A 263 -21.52 -50.43 18.30
C THR A 263 -22.52 -49.32 18.52
N HIS A 264 -23.75 -49.52 18.08
CA HIS A 264 -24.73 -48.45 18.05
C HIS A 264 -25.39 -48.25 19.41
N LEU A 265 -25.72 -46.99 19.71
CA LEU A 265 -26.40 -46.61 20.94
C LEU A 265 -27.75 -45.98 20.69
N ALA A 266 -27.80 -44.91 19.90
CA ALA A 266 -29.00 -44.13 19.75
C ALA A 266 -28.91 -43.36 18.44
N ASP A 267 -29.97 -42.63 18.13
CA ASP A 267 -30.08 -41.90 16.88
C ASP A 267 -30.47 -40.46 17.17
N PHE A 268 -30.20 -39.62 16.19
CA PHE A 268 -30.53 -38.20 16.31
C PHE A 268 -32.02 -38.00 16.49
N ASN A 269 -32.82 -38.81 15.79
CA ASN A 269 -34.27 -38.72 15.96
C ASN A 269 -34.70 -39.10 17.36
N GLN A 270 -33.90 -39.92 18.06
CA GLN A 270 -34.23 -40.29 19.42
C GLN A 270 -33.93 -39.19 20.42
N VAL A 271 -33.12 -38.20 20.04
CA VAL A 271 -32.66 -37.20 20.99
C VAL A 271 -33.84 -36.34 21.44
N GLN A 272 -33.76 -35.86 22.68
CA GLN A 272 -34.73 -34.92 23.23
C GLN A 272 -34.13 -33.59 23.70
N THR A 273 -33.11 -33.61 24.57
CA THR A 273 -32.64 -32.39 25.23
C THR A 273 -31.12 -32.34 25.32
N ILE A 274 -30.60 -31.13 25.61
CA ILE A 274 -29.18 -30.89 25.83
C ILE A 274 -29.04 -29.97 27.04
N GLN A 275 -27.93 -30.16 27.78
CA GLN A 275 -27.45 -29.15 28.71
C GLN A 275 -26.02 -29.51 29.10
N TYR A 276 -25.21 -28.48 29.36
CA TYR A 276 -23.83 -28.69 29.78
C TYR A 276 -23.46 -27.72 30.90
N SER A 277 -22.34 -28.05 31.56
CA SER A 277 -21.78 -27.23 32.61
C SER A 277 -20.31 -27.62 32.76
N ASN A 278 -19.62 -26.94 33.67
CA ASN A 278 -18.24 -27.29 33.94
C ASN A 278 -18.17 -28.67 34.59
N SER A 279 -16.95 -29.16 34.77
CA SER A 279 -16.75 -30.47 35.36
C SER A 279 -17.19 -30.47 36.82
N GLU A 280 -17.14 -31.66 37.42
CA GLU A 280 -17.41 -31.78 38.84
C GLU A 280 -16.33 -31.13 39.69
N ASP A 281 -15.14 -30.92 39.12
CA ASP A 281 -13.96 -30.52 39.89
C ASP A 281 -13.22 -29.45 39.09
N LYS A 282 -12.07 -29.05 39.62
CA LYS A 282 -11.26 -28.01 38.98
C LYS A 282 -10.54 -28.48 37.73
N ASP A 283 -10.64 -29.76 37.38
CA ASP A 283 -10.10 -30.21 36.11
C ASP A 283 -10.78 -29.46 34.98
N ARG A 284 -10.02 -29.17 33.92
CA ARG A 284 -10.44 -28.18 32.94
C ARG A 284 -11.46 -28.74 31.94
N LYS A 285 -12.52 -29.34 32.46
CA LYS A 285 -13.43 -30.15 31.67
C LYS A 285 -14.87 -29.69 31.90
N GLY A 286 -15.78 -30.27 31.12
CA GLY A 286 -17.19 -29.92 31.21
C GLY A 286 -18.06 -31.14 31.02
N MET A 287 -19.23 -31.09 31.65
CA MET A 287 -20.21 -32.17 31.60
C MET A 287 -21.29 -31.82 30.57
N LEU A 288 -21.98 -32.85 30.09
CA LEU A 288 -22.96 -32.70 29.03
C LEU A 288 -24.00 -33.80 29.22
N GLN A 289 -25.12 -33.46 29.86
CA GLN A 289 -26.23 -34.38 30.00
C GLN A 289 -27.14 -34.29 28.79
N LEU A 290 -27.79 -35.41 28.46
CA LEU A 290 -28.69 -35.51 27.32
C LEU A 290 -29.95 -36.29 27.71
N LYS A 291 -30.92 -36.27 26.80
CA LYS A 291 -32.12 -37.10 26.90
C LYS A 291 -32.39 -37.72 25.54
N ILE A 292 -32.57 -39.04 25.52
CA ILE A 292 -32.79 -39.82 24.31
C ILE A 292 -34.20 -40.39 24.41
N ALA A 293 -34.77 -40.68 23.25
CA ALA A 293 -36.19 -41.05 23.15
C ALA A 293 -36.56 -42.27 23.97
N GLY A 294 -37.40 -42.06 24.98
CA GLY A 294 -38.04 -43.15 25.68
C GLY A 294 -37.10 -43.97 26.54
N ALA A 295 -36.53 -43.33 27.56
CA ALA A 295 -35.73 -44.05 28.54
C ALA A 295 -35.78 -43.23 29.83
N PRO A 296 -35.52 -43.85 31.00
CA PRO A 296 -35.28 -43.05 32.22
C PRO A 296 -33.85 -42.55 32.30
N GLU A 297 -33.17 -42.49 31.16
CA GLU A 297 -31.76 -42.82 31.10
C GLU A 297 -30.92 -41.67 30.52
N PRO A 298 -30.12 -40.94 31.34
CA PRO A 298 -29.17 -39.97 30.77
C PRO A 298 -27.89 -40.55 30.21
N LEU A 299 -27.60 -40.27 28.93
CA LEU A 299 -26.25 -40.49 28.38
C LEU A 299 -25.46 -39.23 28.67
N THR A 300 -24.36 -39.39 29.40
CA THR A 300 -23.51 -38.27 29.80
C THR A 300 -22.11 -38.50 29.27
N VAL A 301 -21.75 -37.76 28.25
CA VAL A 301 -20.38 -37.69 27.76
C VAL A 301 -19.64 -36.69 28.61
N THR A 302 -18.33 -36.89 28.73
CA THR A 302 -17.45 -35.89 29.31
C THR A 302 -16.27 -35.71 28.36
N ALA A 303 -15.97 -34.46 28.04
CA ALA A 303 -14.91 -34.10 27.10
C ALA A 303 -13.74 -33.47 27.83
N PRO A 304 -12.57 -33.37 27.19
CA PRO A 304 -11.44 -32.68 27.82
C PRO A 304 -11.67 -31.18 28.07
N SER A 305 -12.76 -30.58 27.60
CA SER A 305 -12.97 -29.16 27.81
C SER A 305 -14.45 -28.82 27.77
N LEU A 306 -14.82 -27.81 28.56
CA LEU A 306 -16.12 -27.17 28.42
C LEU A 306 -16.31 -26.64 27.01
N THR A 307 -15.21 -26.18 26.38
CA THR A 307 -15.24 -25.81 24.97
C THR A 307 -15.86 -26.91 24.13
N ILE A 308 -15.34 -28.12 24.27
CA ILE A 308 -15.85 -29.21 23.47
C ILE A 308 -17.21 -29.66 23.98
N ALA A 309 -17.52 -29.42 25.26
CA ALA A 309 -18.87 -29.67 25.75
C ALA A 309 -19.87 -28.83 24.99
N GLU A 310 -19.58 -27.54 24.87
CA GLU A 310 -20.44 -26.65 24.11
C GLU A 310 -20.45 -27.03 22.64
N ASN A 311 -19.32 -27.49 22.11
CA ASN A 311 -19.26 -27.84 20.70
C ASN A 311 -20.13 -29.04 20.40
N MET A 312 -20.18 -30.00 21.31
CA MET A 312 -21.03 -31.16 21.12
C MET A 312 -22.48 -30.85 21.44
N ALA A 313 -22.72 -29.87 22.31
CA ALA A 313 -24.07 -29.35 22.48
C ALA A 313 -24.57 -28.78 21.14
N ASP A 314 -23.73 -27.96 20.50
CA ASP A 314 -24.08 -27.39 19.21
C ASP A 314 -24.22 -28.47 18.16
N LEU A 315 -23.33 -29.47 18.19
CA LEU A 315 -23.42 -30.65 17.35
C LEU A 315 -24.82 -31.22 17.37
N ILE A 316 -25.26 -31.65 18.54
CA ILE A 316 -26.53 -32.38 18.65
C ILE A 316 -27.69 -31.46 18.30
N ASP A 317 -27.67 -30.22 18.81
CA ASP A 317 -28.77 -29.31 18.54
C ASP A 317 -28.88 -29.00 17.05
N GLY A 318 -27.75 -29.00 16.35
CA GLY A 318 -27.78 -28.70 14.94
C GLY A 318 -28.19 -29.87 14.08
N TYR A 319 -27.88 -31.10 14.50
CA TYR A 319 -28.52 -32.21 13.81
C TYR A 319 -30.02 -32.21 14.05
N CYS A 320 -30.45 -31.77 15.23
CA CYS A 320 -31.88 -31.67 15.46
C CYS A 320 -32.51 -30.67 14.51
N ARG A 321 -31.89 -29.48 14.39
CA ARG A 321 -32.32 -28.52 13.38
C ARG A 321 -32.28 -29.13 11.97
N LEU A 322 -31.26 -29.94 11.70
CA LEU A 322 -31.01 -30.53 10.39
C LEU A 322 -32.13 -31.45 9.95
N VAL A 323 -32.28 -32.56 10.66
CA VAL A 323 -33.14 -33.65 10.22
C VAL A 323 -34.52 -33.60 10.84
N ASN A 324 -34.73 -32.77 11.87
CA ASN A 324 -36.07 -32.44 12.36
C ASN A 324 -36.39 -30.99 11.99
N GLY A 325 -37.64 -30.60 12.23
CA GLY A 325 -38.05 -29.23 12.06
C GLY A 325 -37.80 -28.37 13.28
N ALA A 326 -36.94 -28.84 14.18
CA ALA A 326 -36.62 -28.09 15.38
C ALA A 326 -35.94 -26.78 15.02
N THR A 327 -36.37 -25.71 15.67
CA THR A 327 -35.81 -24.38 15.47
C THR A 327 -35.20 -23.80 16.73
N GLN A 328 -35.74 -24.13 17.89
CA GLN A 328 -35.23 -23.63 19.17
C GLN A 328 -34.09 -24.51 19.66
N SER A 329 -33.29 -23.94 20.54
CA SER A 329 -32.16 -24.66 21.09
C SER A 329 -32.64 -25.67 22.14
N PHE A 330 -32.13 -26.89 22.03
CA PHE A 330 -32.33 -27.90 23.05
C PHE A 330 -31.30 -27.82 24.15
N ILE A 331 -30.49 -26.76 24.18
CA ILE A 331 -29.47 -26.57 25.21
C ILE A 331 -30.15 -25.85 26.37
N ILE A 332 -30.50 -26.62 27.41
CA ILE A 332 -31.07 -26.03 28.62
C ILE A 332 -29.92 -25.47 29.44
N ARG A 333 -29.66 -24.18 29.31
CA ARG A 333 -28.67 -23.50 30.14
C ARG A 333 -29.30 -23.09 31.46
N ASP A 367 -33.17 -2.09 14.20
CA ASP A 367 -33.53 -3.12 13.18
C ASP A 367 -32.27 -3.85 12.73
N ASP A 368 -31.87 -4.89 13.48
CA ASP A 368 -30.66 -5.69 13.14
C ASP A 368 -30.73 -6.12 11.67
N TYR A 369 -29.69 -5.82 10.90
CA TYR A 369 -29.64 -6.18 9.45
C TYR A 369 -28.21 -6.05 8.93
N ALA A 370 -27.59 -7.18 8.57
CA ALA A 370 -26.20 -7.17 8.04
C ALA A 370 -26.23 -7.10 6.51
N GLU A 371 -25.44 -6.20 5.92
CA GLU A 371 -25.39 -6.04 4.45
C GLU A 371 -23.99 -6.41 3.95
N ILE A 372 -23.90 -7.25 2.91
CA ILE A 372 -22.59 -7.68 2.35
C ILE A 372 -21.88 -6.44 1.76
N ILE A 373 -20.65 -6.18 2.21
CA ILE A 373 -19.86 -5.01 1.71
C ILE A 373 -18.44 -5.47 1.40
N SER A 383 -0.73 -8.01 12.02
CA SER A 383 0.56 -8.22 12.75
C SER A 383 0.62 -9.64 13.31
N THR A 384 1.62 -10.42 12.87
CA THR A 384 1.88 -11.83 13.29
C THR A 384 0.76 -12.78 12.83
N ARG A 385 0.93 -13.37 11.64
CA ARG A 385 -0.08 -14.31 11.08
C ARG A 385 0.60 -15.27 10.10
N ASP A 386 -0.14 -16.28 9.63
CA ASP A 386 0.39 -17.30 8.67
C ASP A 386 0.44 -16.67 7.27
N TYR A 387 1.55 -16.87 6.55
CA TYR A 387 1.70 -16.29 5.19
C TYR A 387 1.73 -17.40 4.14
N GLU A 388 0.88 -17.29 3.11
CA GLU A 388 0.82 -18.28 2.00
C GLU A 388 1.47 -17.64 0.77
N ILE A 389 2.46 -18.32 0.18
CA ILE A 389 3.18 -17.73 -0.99
C ILE A 389 3.12 -18.70 -2.18
N GLN A 390 2.57 -18.24 -3.30
CA GLN A 390 2.48 -19.06 -4.55
C GLN A 390 3.51 -18.54 -5.56
N ARG A 391 3.53 -19.09 -6.77
CA ARG A 391 4.50 -18.61 -7.76
C ARG A 391 3.90 -17.73 -8.86
N GLU A 392 2.60 -17.80 -9.10
CA GLU A 392 2.04 -17.20 -10.30
C GLU A 392 2.08 -15.68 -10.28
N ARG A 393 2.20 -15.07 -9.10
CA ARG A 393 2.03 -13.64 -8.96
C ARG A 393 3.33 -12.88 -9.07
N ILE A 394 4.27 -13.39 -9.86
CA ILE A 394 5.67 -13.00 -9.78
C ILE A 394 6.17 -12.50 -11.11
N GLU A 395 6.94 -11.41 -11.05
CA GLU A 395 7.75 -11.00 -12.18
C GLU A 395 9.10 -11.72 -12.12
N LEU A 396 9.59 -12.11 -13.29
CA LEU A 396 10.92 -12.68 -13.46
C LEU A 396 11.75 -11.63 -14.20
N GLY A 397 12.41 -10.77 -13.43
CA GLY A 397 13.13 -9.64 -13.97
C GLY A 397 14.57 -9.94 -14.35
N ARG A 398 15.39 -8.90 -14.34
CA ARG A 398 16.76 -8.97 -14.84
C ARG A 398 17.73 -9.22 -13.71
N CYS A 399 18.96 -9.55 -14.08
CA CYS A 399 20.00 -9.76 -13.08
C CYS A 399 20.32 -8.45 -12.38
N ILE A 400 20.43 -8.53 -11.05
CA ILE A 400 20.70 -7.34 -10.24
C ILE A 400 21.91 -7.58 -9.34
N GLY A 401 22.84 -8.43 -9.78
CA GLY A 401 24.10 -8.62 -9.09
C GLY A 401 24.53 -10.08 -9.11
N GLU A 402 25.50 -10.39 -8.26
CA GLU A 402 26.06 -11.74 -8.14
C GLU A 402 26.45 -11.94 -6.69
N GLY A 403 25.67 -12.75 -5.97
CA GLY A 403 25.74 -12.81 -4.52
C GLY A 403 26.45 -14.03 -3.98
N GLN A 404 26.17 -14.33 -2.70
CA GLN A 404 26.87 -15.40 -2.00
C GLN A 404 26.28 -16.77 -2.34
N PHE A 405 25.01 -16.98 -1.98
CA PHE A 405 24.33 -18.22 -2.38
C PHE A 405 24.29 -18.35 -3.89
N GLY A 406 23.98 -17.27 -4.58
CA GLY A 406 23.98 -17.28 -6.02
C GLY A 406 23.54 -15.96 -6.59
N ASP A 407 23.21 -15.97 -7.87
CA ASP A 407 22.73 -14.76 -8.52
C ASP A 407 21.41 -14.33 -7.89
N VAL A 408 21.03 -13.09 -8.16
CA VAL A 408 19.89 -12.44 -7.51
C VAL A 408 19.13 -11.65 -8.56
N HIS A 409 17.82 -11.55 -8.35
CA HIS A 409 16.93 -10.91 -9.30
C HIS A 409 15.93 -10.07 -8.53
N GLN A 410 15.17 -9.27 -9.28
CA GLN A 410 14.06 -8.49 -8.74
C GLN A 410 12.77 -8.97 -9.38
N GLY A 411 11.66 -8.56 -8.80
CA GLY A 411 10.36 -8.92 -9.36
C GLY A 411 9.25 -8.43 -8.48
N ILE A 412 8.05 -8.97 -8.70
CA ILE A 412 6.80 -8.44 -8.17
C ILE A 412 6.10 -9.53 -7.38
N TYR A 413 5.19 -9.12 -6.50
CA TYR A 413 4.22 -10.01 -5.88
C TYR A 413 2.87 -9.31 -5.86
N MET A 414 1.80 -10.12 -5.85
CA MET A 414 0.44 -9.63 -5.74
C MET A 414 -0.29 -10.29 -4.59
N SER A 415 -1.19 -9.58 -3.91
CA SER A 415 -1.95 -10.07 -2.72
C SER A 415 -3.20 -9.21 -2.52
N PRO A 416 -4.26 -9.67 -1.83
CA PRO A 416 -5.45 -8.83 -1.65
C PRO A 416 -5.26 -7.58 -0.78
N GLU A 417 -4.56 -7.70 0.35
CA GLU A 417 -4.37 -6.53 1.26
C GLU A 417 -3.53 -5.44 0.56
N ASN A 418 -2.39 -5.84 -0.04
CA ASN A 418 -1.51 -4.91 -0.77
C ASN A 418 -0.95 -5.66 -1.99
N PRO A 419 -1.06 -5.18 -3.26
CA PRO A 419 -0.53 -5.92 -4.40
C PRO A 419 0.43 -5.24 -5.37
N ALA A 420 1.15 -6.02 -6.17
CA ALA A 420 2.02 -5.43 -7.19
C ALA A 420 3.30 -4.85 -6.59
N MET A 421 3.74 -5.41 -5.46
CA MET A 421 4.90 -4.88 -4.77
C MET A 421 6.15 -5.43 -5.45
N ALA A 422 6.91 -4.55 -6.09
CA ALA A 422 8.17 -4.96 -6.70
C ALA A 422 9.24 -5.08 -5.62
N VAL A 423 10.10 -6.09 -5.74
CA VAL A 423 10.97 -6.52 -4.66
C VAL A 423 12.29 -7.00 -5.24
N ALA A 424 13.24 -7.25 -4.34
CA ALA A 424 14.41 -8.06 -4.64
C ALA A 424 14.10 -9.52 -4.35
N ILE A 425 14.81 -10.40 -5.02
CA ILE A 425 14.57 -11.84 -4.95
C ILE A 425 15.92 -12.50 -4.79
N LYS A 426 16.27 -12.84 -3.56
CA LYS A 426 17.53 -13.51 -3.29
C LYS A 426 17.42 -14.98 -3.66
N THR A 427 18.42 -15.48 -4.38
CA THR A 427 18.36 -16.78 -5.01
C THR A 427 19.73 -17.46 -4.85
N CYS A 428 19.89 -18.61 -5.51
CA CYS A 428 21.15 -19.42 -5.48
C CYS A 428 21.41 -20.03 -6.86
N LYS A 429 22.68 -20.22 -7.23
CA LYS A 429 23.11 -20.83 -8.51
C LYS A 429 22.74 -22.32 -8.53
N ASN A 430 23.00 -23.03 -7.43
CA ASN A 430 22.71 -24.49 -7.29
C ASN A 430 21.96 -24.76 -5.97
N CYS A 431 20.90 -25.57 -5.99
CA CYS A 431 20.09 -25.96 -4.80
C CYS A 431 20.26 -27.46 -4.52
N THR A 432 21.28 -28.10 -5.11
CA THR A 432 21.56 -29.56 -5.02
C THR A 432 21.88 -30.00 -3.58
N SER A 433 22.62 -29.21 -2.82
CA SER A 433 23.04 -29.55 -1.42
C SER A 433 22.02 -29.06 -0.40
N ASP A 434 21.52 -29.96 0.43
CA ASP A 434 20.53 -29.67 1.47
C ASP A 434 21.10 -28.81 2.59
N SER A 435 22.41 -28.79 2.78
CA SER A 435 23.00 -27.92 3.80
C SER A 435 22.86 -26.46 3.40
N VAL A 436 23.24 -26.15 2.16
CA VAL A 436 23.05 -24.80 1.64
C VAL A 436 21.58 -24.47 1.62
N ARG A 437 20.75 -25.45 1.28
CA ARG A 437 19.30 -25.25 1.34
C ARG A 437 18.87 -24.86 2.75
N GLU A 438 19.40 -25.55 3.75
CA GLU A 438 18.99 -25.28 5.12
C GLU A 438 19.44 -23.90 5.57
N LYS A 439 20.61 -23.46 5.13
CA LYS A 439 21.07 -22.13 5.52
C LYS A 439 20.29 -21.05 4.77
N PHE A 440 19.98 -21.33 3.50
CA PHE A 440 19.09 -20.52 2.70
C PHE A 440 17.72 -20.40 3.36
N LEU A 441 17.28 -21.45 4.05
CA LEU A 441 16.07 -21.38 4.86
C LEU A 441 16.32 -20.63 6.15
N GLN A 442 17.51 -20.78 6.69
CA GLN A 442 17.80 -20.33 8.04
C GLN A 442 17.83 -18.82 8.10
N GLU A 443 18.42 -18.19 7.09
CA GLU A 443 18.40 -16.73 7.05
C GLU A 443 16.97 -16.22 7.02
N ALA A 444 16.12 -16.91 6.26
CA ALA A 444 14.72 -16.52 6.15
C ALA A 444 14.03 -16.62 7.50
N LEU A 445 14.12 -17.79 8.12
CA LEU A 445 13.41 -17.99 9.38
C LEU A 445 14.02 -17.13 10.48
N THR A 446 15.31 -16.84 10.37
CA THR A 446 15.96 -15.93 11.29
C THR A 446 15.29 -14.57 11.22
N MET A 447 15.30 -13.98 10.04
CA MET A 447 14.71 -12.67 9.87
C MET A 447 13.21 -12.67 10.00
N ARG A 448 12.58 -13.85 10.05
CA ARG A 448 11.14 -13.94 10.22
C ARG A 448 10.71 -13.26 11.52
N GLN A 449 11.23 -13.74 12.64
CA GLN A 449 10.61 -13.46 13.93
C GLN A 449 10.82 -12.04 14.43
N PHE A 450 11.50 -11.20 13.66
CA PHE A 450 11.63 -9.80 14.04
C PHE A 450 10.35 -9.03 13.70
N ASP A 451 10.27 -7.81 14.26
CA ASP A 451 9.14 -6.92 14.01
C ASP A 451 9.65 -5.50 14.23
N HIS A 452 9.96 -4.80 13.12
CA HIS A 452 10.65 -3.53 13.20
C HIS A 452 10.61 -2.83 11.85
N PRO A 453 10.52 -1.48 11.80
CA PRO A 453 10.59 -0.83 10.49
C PRO A 453 11.92 -1.02 9.78
N HIS A 454 13.00 -0.54 10.39
CA HIS A 454 14.30 -0.51 9.73
C HIS A 454 15.07 -1.81 9.83
N ILE A 455 14.39 -2.90 10.12
CA ILE A 455 14.87 -4.21 9.73
C ILE A 455 14.38 -4.46 8.32
N VAL A 456 15.25 -4.97 7.46
CA VAL A 456 14.82 -5.40 6.14
C VAL A 456 13.89 -6.60 6.29
N LYS A 457 12.75 -6.57 5.59
CA LYS A 457 11.65 -7.49 5.83
C LYS A 457 11.47 -8.42 4.63
N LEU A 458 11.73 -9.70 4.86
CA LEU A 458 11.16 -10.74 4.02
C LEU A 458 9.64 -10.70 4.13
N ILE A 459 8.98 -11.25 3.12
CA ILE A 459 7.52 -11.39 3.16
C ILE A 459 7.16 -12.86 3.08
N GLY A 460 7.99 -13.66 2.45
CA GLY A 460 7.85 -15.11 2.53
C GLY A 460 8.57 -15.80 1.40
N VAL A 461 8.14 -17.05 1.14
CA VAL A 461 8.93 -18.03 0.42
C VAL A 461 8.06 -18.89 -0.48
N ILE A 462 8.70 -19.52 -1.46
CA ILE A 462 8.13 -20.60 -2.25
C ILE A 462 9.07 -21.78 -2.10
N THR A 463 8.65 -22.78 -1.34
CA THR A 463 9.57 -23.81 -0.84
C THR A 463 9.65 -25.03 -1.75
N GLU A 464 9.57 -24.82 -3.07
CA GLU A 464 9.93 -25.82 -4.05
C GLU A 464 11.12 -25.34 -4.87
N ASN A 465 11.85 -26.29 -5.43
CA ASN A 465 13.00 -25.96 -6.26
C ASN A 465 12.53 -25.31 -7.55
N PRO A 466 13.11 -24.17 -7.98
CA PRO A 466 14.08 -23.30 -7.31
C PRO A 466 13.43 -22.41 -6.26
N VAL A 467 13.74 -22.67 -4.99
CA VAL A 467 13.18 -21.87 -3.91
C VAL A 467 13.74 -20.46 -4.00
N TRP A 468 12.86 -19.48 -3.80
CA TRP A 468 13.18 -18.08 -3.98
C TRP A 468 12.83 -17.32 -2.71
N ILE A 469 13.17 -16.02 -2.72
CA ILE A 469 13.05 -15.16 -1.55
C ILE A 469 12.30 -13.89 -1.97
N ILE A 470 11.60 -13.31 -1.01
CA ILE A 470 10.91 -12.04 -1.22
C ILE A 470 11.47 -10.96 -0.31
N MET A 471 12.55 -10.33 -0.75
CA MET A 471 13.14 -9.22 -0.02
C MET A 471 12.59 -7.91 -0.58
N GLU A 472 11.81 -7.19 0.23
CA GLU A 472 11.35 -5.87 -0.17
C GLU A 472 12.57 -5.02 -0.53
N LEU A 473 12.55 -4.48 -1.75
CA LEU A 473 13.77 -4.23 -2.48
C LEU A 473 14.70 -3.25 -1.75
N CYS A 474 15.96 -3.63 -1.67
CA CYS A 474 17.04 -2.69 -1.37
C CYS A 474 17.31 -1.93 -2.66
N THR A 475 16.75 -0.73 -2.73
CA THR A 475 16.49 -0.10 -4.03
C THR A 475 17.78 0.43 -4.64
N LEU A 476 18.39 1.41 -3.98
CA LEU A 476 19.60 2.01 -4.50
C LEU A 476 20.82 1.12 -4.28
N GLY A 477 20.68 0.04 -3.53
CA GLY A 477 21.63 -1.05 -3.60
C GLY A 477 22.79 -0.89 -2.64
N GLU A 478 23.99 -1.12 -3.15
CA GLU A 478 25.19 -1.22 -2.32
C GLU A 478 25.60 0.15 -1.79
N LEU A 479 25.47 0.34 -0.47
CA LEU A 479 25.80 1.63 0.13
C LEU A 479 27.24 2.05 -0.15
N ARG A 480 28.13 1.09 -0.35
CA ARG A 480 29.53 1.41 -0.61
C ARG A 480 29.67 2.24 -1.88
N SER A 481 29.43 1.62 -3.04
CA SER A 481 29.59 2.32 -4.31
C SER A 481 28.67 3.51 -4.41
N PHE A 482 27.48 3.38 -3.82
CA PHE A 482 26.52 4.46 -3.67
C PHE A 482 27.18 5.72 -3.15
N LEU A 483 27.73 5.64 -1.94
CA LEU A 483 28.37 6.80 -1.36
C LEU A 483 29.71 7.12 -2.02
N GLN A 484 30.35 6.14 -2.67
CA GLN A 484 31.56 6.43 -3.42
C GLN A 484 31.27 7.39 -4.56
N VAL A 485 30.20 7.13 -5.29
CA VAL A 485 29.82 7.98 -6.42
C VAL A 485 29.25 9.29 -5.90
N ARG A 486 28.59 9.27 -4.74
CA ARG A 486 27.94 10.46 -4.18
C ARG A 486 28.82 11.14 -3.15
N LYS A 487 30.13 11.16 -3.43
CA LYS A 487 31.11 11.68 -2.49
C LYS A 487 30.88 13.16 -2.21
N PHE A 488 30.90 13.98 -3.26
CA PHE A 488 30.98 15.43 -3.12
C PHE A 488 29.61 16.08 -3.04
N SER A 489 28.62 15.37 -2.53
CA SER A 489 27.23 15.75 -2.70
C SER A 489 26.37 15.63 -1.46
N LEU A 490 26.83 14.95 -0.42
CA LEU A 490 25.96 14.50 0.65
C LEU A 490 26.25 15.24 1.94
N ASP A 491 25.35 15.03 2.89
CA ASP A 491 25.25 15.85 4.08
C ASP A 491 25.46 15.03 5.34
N LEU A 492 26.25 15.62 6.24
CA LEU A 492 26.71 14.94 7.42
C LEU A 492 25.56 14.62 8.36
N ALA A 493 24.51 15.44 8.35
CA ALA A 493 23.34 15.12 9.14
C ALA A 493 22.73 13.80 8.68
N SER A 494 22.69 13.58 7.37
CA SER A 494 22.20 12.31 6.87
C SER A 494 23.13 11.18 7.25
N LEU A 495 24.42 11.45 7.32
CA LEU A 495 25.32 10.41 7.80
C LEU A 495 25.05 10.09 9.27
N ILE A 496 24.80 11.12 10.07
CA ILE A 496 24.44 10.90 11.47
C ILE A 496 23.19 10.05 11.55
N LEU A 497 22.25 10.28 10.64
CA LEU A 497 21.01 9.52 10.68
C LEU A 497 21.20 8.08 10.21
N TYR A 498 22.10 7.86 9.25
CA TYR A 498 22.51 6.50 8.91
C TYR A 498 22.95 5.78 10.17
N ALA A 499 23.88 6.39 10.89
CA ALA A 499 24.40 5.80 12.11
C ALA A 499 23.28 5.60 13.13
N TYR A 500 22.35 6.55 13.20
CA TYR A 500 21.28 6.48 14.18
C TYR A 500 20.38 5.30 13.93
N GLN A 501 19.95 5.16 12.68
CA GLN A 501 19.04 4.07 12.35
C GLN A 501 19.72 2.73 12.55
N LEU A 502 20.98 2.62 12.14
CA LEU A 502 21.69 1.36 12.34
C LEU A 502 21.86 1.08 13.82
N SER A 503 22.02 2.15 14.61
CA SER A 503 22.12 2.01 16.05
C SER A 503 20.87 1.38 16.61
N THR A 504 19.72 1.97 16.28
CA THR A 504 18.45 1.44 16.78
C THR A 504 18.25 0.01 16.34
N ALA A 505 18.70 -0.31 15.12
CA ALA A 505 18.50 -1.64 14.58
C ALA A 505 19.28 -2.70 15.36
N LEU A 506 20.60 -2.54 15.40
CA LEU A 506 21.40 -3.55 16.09
C LEU A 506 21.13 -3.52 17.60
N ALA A 507 20.64 -2.38 18.12
CA ALA A 507 20.15 -2.35 19.49
C ALA A 507 18.96 -3.28 19.66
N TYR A 508 18.05 -3.28 18.70
CA TYR A 508 16.91 -4.19 18.78
C TYR A 508 17.37 -5.64 18.65
N LEU A 509 18.41 -5.90 17.85
CA LEU A 509 18.99 -7.25 17.82
C LEU A 509 19.38 -7.68 19.22
N GLU A 510 20.13 -6.82 19.92
CA GLU A 510 20.55 -7.19 21.28
C GLU A 510 19.36 -7.34 22.20
N SER A 511 18.32 -6.51 22.02
CA SER A 511 17.11 -6.67 22.82
C SER A 511 16.46 -8.01 22.58
N LYS A 512 16.69 -8.62 21.42
CA LYS A 512 16.20 -9.97 21.14
C LYS A 512 17.31 -10.90 20.67
N ARG A 513 18.58 -10.53 20.90
CA ARG A 513 19.69 -11.46 21.05
C ARG A 513 19.93 -12.33 19.80
N PHE A 514 20.41 -11.67 18.75
CA PHE A 514 21.08 -12.37 17.67
C PHE A 514 22.41 -11.71 17.36
N VAL A 515 23.36 -12.53 16.91
CA VAL A 515 24.72 -12.13 16.61
C VAL A 515 24.99 -12.40 15.15
N HIS A 516 25.55 -11.40 14.46
CA HIS A 516 25.74 -11.44 13.02
C HIS A 516 27.15 -11.85 12.59
N ARG A 517 28.18 -11.32 13.26
CA ARG A 517 29.59 -11.69 13.10
C ARG A 517 30.25 -11.17 11.82
N ASP A 518 29.47 -10.63 10.89
CA ASP A 518 29.98 -10.28 9.58
C ASP A 518 29.34 -9.00 9.07
N ILE A 519 29.11 -8.05 9.97
CA ILE A 519 28.49 -6.79 9.58
C ILE A 519 29.47 -6.00 8.72
N ALA A 520 28.98 -5.49 7.59
CA ALA A 520 29.83 -4.79 6.62
C ALA A 520 29.01 -3.77 5.85
N ALA A 521 29.71 -2.77 5.32
CA ALA A 521 29.06 -1.78 4.47
C ALA A 521 28.49 -2.44 3.22
N ARG A 522 29.22 -3.41 2.66
CA ARG A 522 28.67 -4.19 1.57
C ARG A 522 27.46 -5.00 2.01
N ASN A 523 27.35 -5.27 3.31
CA ASN A 523 26.15 -5.89 3.86
C ASN A 523 25.10 -4.87 4.27
N VAL A 524 25.49 -3.63 4.57
CA VAL A 524 24.51 -2.57 4.66
C VAL A 524 23.90 -2.37 3.28
N LEU A 525 22.59 -2.15 3.25
CA LEU A 525 21.88 -2.03 1.98
C LEU A 525 20.83 -0.95 2.11
N VAL A 526 20.49 -0.38 0.96
CA VAL A 526 19.86 0.94 0.90
C VAL A 526 18.46 0.85 0.33
N SER A 527 17.60 1.71 0.86
CA SER A 527 16.29 2.00 0.29
C SER A 527 16.22 3.38 -0.32
N ALA A 528 16.85 4.38 0.30
CA ALA A 528 16.60 5.76 -0.06
C ALA A 528 17.73 6.63 0.47
N THR A 529 17.58 7.93 0.25
CA THR A 529 18.37 8.95 0.93
C THR A 529 17.90 9.19 2.35
N ASP A 530 16.86 8.49 2.80
CA ASP A 530 16.41 8.60 4.19
C ASP A 530 16.03 7.25 4.77
N CYS A 531 16.58 6.16 4.23
CA CYS A 531 16.30 4.83 4.76
C CYS A 531 17.29 3.82 4.22
N VAL A 532 18.02 3.22 5.17
CA VAL A 532 19.01 2.12 4.98
C VAL A 532 18.56 1.02 5.95
N LYS A 533 18.26 -0.18 5.44
CA LYS A 533 17.70 -1.30 6.24
C LYS A 533 18.75 -2.40 6.42
N LEU A 534 18.82 -2.97 7.64
CA LEU A 534 19.78 -4.06 7.93
C LEU A 534 19.50 -5.19 6.95
N GLY A 535 20.54 -5.78 6.35
CA GLY A 535 20.38 -6.84 5.33
C GLY A 535 21.29 -8.03 5.50
N ASP A 536 21.04 -9.08 4.72
CA ASP A 536 21.78 -10.38 4.62
C ASP A 536 21.29 -11.41 5.65
N PHE A 537 21.92 -11.44 6.83
CA PHE A 537 21.53 -12.39 7.90
C PHE A 537 21.67 -13.83 7.38
N GLY A 538 22.91 -14.25 7.08
CA GLY A 538 23.16 -15.60 6.56
C GLY A 538 24.30 -16.29 7.30
N LEU A 539 24.31 -17.62 7.26
CA LEU A 539 25.37 -18.43 7.96
C LEU A 539 26.23 -19.13 6.91
N SER A 540 27.55 -19.00 7.03
CA SER A 540 28.51 -19.64 6.09
C SER A 540 29.77 -20.08 6.86
N ARG A 541 30.11 -21.37 6.78
CA ARG A 541 31.29 -21.92 7.48
C ARG A 541 32.16 -22.72 6.50
N TYR A 542 33.47 -22.79 6.75
CA TYR A 542 34.10 -22.09 7.91
C TYR A 542 35.36 -21.35 7.44
N LYS A 553 37.70 -20.38 4.34
CA LYS A 553 38.68 -20.19 5.44
C LYS A 553 39.21 -18.75 5.40
N GLY A 554 39.87 -18.37 4.31
CA GLY A 554 40.42 -17.01 4.15
C GLY A 554 40.10 -16.42 2.79
N LYS A 555 40.16 -15.09 2.65
CA LYS A 555 40.44 -14.12 3.74
C LYS A 555 39.16 -13.76 4.50
N LEU A 556 39.28 -12.90 5.51
CA LEU A 556 38.16 -12.44 6.35
C LEU A 556 38.18 -10.90 6.40
N PRO A 557 37.09 -10.18 6.74
CA PRO A 557 37.14 -8.72 6.79
C PRO A 557 37.84 -8.36 8.10
N ILE A 558 39.16 -8.61 8.09
CA ILE A 558 40.06 -8.43 9.22
C ILE A 558 40.09 -6.98 9.67
N LYS A 559 40.15 -6.04 8.73
CA LYS A 559 40.21 -4.64 9.11
C LYS A 559 38.94 -4.20 9.82
N TRP A 560 37.82 -4.87 9.53
CA TRP A 560 36.59 -4.60 10.28
C TRP A 560 36.60 -5.28 11.62
N MET A 561 37.22 -6.44 11.71
CA MET A 561 37.02 -7.33 12.84
C MET A 561 37.82 -6.89 14.05
N ALA A 562 37.48 -7.46 15.21
CA ALA A 562 38.11 -7.15 16.49
C ALA A 562 39.21 -8.15 16.81
N PRO A 563 40.13 -7.79 17.70
CA PRO A 563 41.30 -8.66 17.94
C PRO A 563 40.96 -10.03 18.45
N GLU A 564 40.01 -10.11 19.38
CA GLU A 564 39.62 -11.40 19.94
C GLU A 564 39.17 -12.35 18.86
N SER A 565 38.41 -11.84 17.89
CA SER A 565 37.95 -12.67 16.79
C SER A 565 39.12 -13.05 15.90
N ILE A 566 39.93 -12.05 15.51
CA ILE A 566 41.06 -12.28 14.61
C ILE A 566 41.99 -13.34 15.18
N ASN A 567 42.07 -13.42 16.50
CA ASN A 567 43.00 -14.34 17.14
C ASN A 567 42.38 -15.73 17.33
N PHE A 568 41.23 -15.81 18.02
CA PHE A 568 40.71 -17.10 18.43
C PHE A 568 39.20 -17.19 18.28
N ARG A 569 38.62 -16.52 17.28
CA ARG A 569 37.23 -16.72 16.89
C ARG A 569 36.25 -16.41 18.02
N ARG A 570 36.57 -15.41 18.84
CA ARG A 570 35.66 -14.93 19.86
C ARG A 570 34.71 -13.89 19.24
N PHE A 571 33.41 -14.04 19.50
CA PHE A 571 32.39 -13.21 18.88
C PHE A 571 31.29 -12.92 19.88
N THR A 572 31.23 -11.66 20.34
CA THR A 572 30.24 -11.25 21.32
C THR A 572 29.85 -9.80 21.02
N SER A 573 29.11 -9.19 21.95
CA SER A 573 28.72 -7.80 21.83
C SER A 573 29.92 -6.88 21.66
N ALA A 574 31.08 -7.29 22.15
CA ALA A 574 32.27 -6.46 22.02
C ALA A 574 32.67 -6.30 20.55
N SER A 575 32.93 -7.43 19.89
CA SER A 575 33.25 -7.39 18.46
C SER A 575 32.09 -6.82 17.67
N ASP A 576 30.87 -6.99 18.16
CA ASP A 576 29.72 -6.36 17.52
C ASP A 576 29.87 -4.85 17.51
N VAL A 577 30.16 -4.28 18.67
CA VAL A 577 30.34 -2.83 18.77
C VAL A 577 31.54 -2.38 17.92
N TRP A 578 32.59 -3.21 17.82
CA TRP A 578 33.77 -2.82 17.03
C TRP A 578 33.46 -2.78 15.55
N MET A 579 32.80 -3.81 15.04
CA MET A 579 32.47 -3.84 13.63
C MET A 579 31.41 -2.79 13.30
N PHE A 580 30.50 -2.51 14.24
CA PHE A 580 29.63 -1.36 14.08
C PHE A 580 30.43 -0.07 14.04
N GLY A 581 31.51 -0.03 14.80
CA GLY A 581 32.39 1.12 14.78
C GLY A 581 33.03 1.32 13.42
N VAL A 582 33.60 0.25 12.86
CA VAL A 582 34.22 0.36 11.55
C VAL A 582 33.16 0.68 10.51
N CYS A 583 31.93 0.18 10.72
CA CYS A 583 30.86 0.47 9.79
C CYS A 583 30.54 1.96 9.78
N MET A 584 30.24 2.51 10.97
CA MET A 584 30.04 3.94 11.11
C MET A 584 31.20 4.71 10.53
N TRP A 585 32.42 4.29 10.85
CA TRP A 585 33.61 4.97 10.37
C TRP A 585 33.59 5.06 8.86
N GLU A 586 33.70 3.91 8.19
CA GLU A 586 33.80 3.85 6.74
C GLU A 586 32.65 4.57 6.04
N ILE A 587 31.44 4.53 6.63
CA ILE A 587 30.35 5.30 6.06
C ILE A 587 30.66 6.77 6.17
N LEU A 588 31.11 7.20 7.34
CA LEU A 588 31.42 8.58 7.58
C LEU A 588 32.69 9.03 6.86
N MET A 589 33.43 8.09 6.28
CA MET A 589 34.66 8.40 5.56
C MET A 589 34.42 8.96 4.18
N HIS A 590 33.17 9.19 3.81
CA HIS A 590 32.79 9.22 2.41
C HIS A 590 33.25 7.94 1.70
N GLY A 591 33.22 6.83 2.42
CA GLY A 591 33.46 5.53 1.84
C GLY A 591 34.90 5.13 1.71
N VAL A 592 35.80 5.79 2.40
CA VAL A 592 37.23 5.45 2.30
C VAL A 592 37.51 4.26 3.22
N LYS A 593 38.07 3.21 2.64
CA LYS A 593 38.36 1.98 3.35
C LYS A 593 39.51 2.21 4.33
N PRO A 594 39.72 1.30 5.28
CA PRO A 594 40.90 1.37 6.13
C PRO A 594 42.16 0.84 5.46
N PHE A 595 43.26 1.56 5.68
CA PHE A 595 44.61 1.05 5.45
C PHE A 595 44.81 0.57 4.01
N GLN A 596 44.76 1.53 3.10
CA GLN A 596 44.82 1.19 1.68
C GLN A 596 46.19 0.63 1.33
N GLY A 597 46.20 -0.49 0.62
CA GLY A 597 47.44 -1.14 0.23
C GLY A 597 48.17 -1.87 1.33
N VAL A 598 47.51 -2.11 2.46
CA VAL A 598 48.11 -2.76 3.63
C VAL A 598 47.62 -4.19 3.69
N LYS A 599 48.43 -5.06 4.29
CA LYS A 599 48.04 -6.44 4.50
C LYS A 599 47.02 -6.55 5.63
N ASN A 600 46.25 -7.62 5.59
CA ASN A 600 45.42 -7.97 6.74
C ASN A 600 46.23 -8.57 7.88
N ASN A 601 47.53 -8.81 7.68
CA ASN A 601 48.35 -9.46 8.69
C ASN A 601 48.77 -8.47 9.78
N ASP A 602 49.28 -7.32 9.39
CA ASP A 602 49.75 -6.31 10.33
C ASP A 602 48.62 -5.62 11.06
N VAL A 603 47.36 -5.87 10.67
CA VAL A 603 46.21 -5.23 11.31
C VAL A 603 46.20 -5.54 12.80
N ILE A 604 46.31 -6.82 13.14
CA ILE A 604 46.24 -7.24 14.53
C ILE A 604 47.43 -6.70 15.29
N GLY A 605 48.60 -6.68 14.64
CA GLY A 605 49.78 -6.17 15.30
C GLY A 605 49.64 -4.70 15.64
N ARG A 606 49.03 -3.93 14.75
CA ARG A 606 48.92 -2.50 14.98
C ARG A 606 47.81 -2.16 15.96
N ILE A 607 46.75 -2.97 16.01
CA ILE A 607 45.76 -2.78 17.06
C ILE A 607 46.39 -3.05 18.41
N GLU A 608 47.04 -4.21 18.55
CA GLU A 608 47.66 -4.54 19.83
C GLU A 608 48.80 -3.61 20.16
N ASN A 609 49.37 -2.92 19.17
CA ASN A 609 50.23 -1.77 19.42
C ASN A 609 49.45 -0.54 19.85
N GLY A 610 48.12 -0.62 19.91
CA GLY A 610 47.29 0.52 20.23
C GLY A 610 47.05 1.48 19.09
N GLU A 611 47.62 1.23 17.91
CA GLU A 611 47.42 2.12 16.79
C GLU A 611 45.97 2.06 16.34
N ARG A 612 45.37 3.23 16.16
CA ARG A 612 43.97 3.36 15.82
C ARG A 612 43.82 4.16 14.54
N LEU A 613 42.61 4.14 14.00
CA LEU A 613 42.35 4.84 12.76
C LEU A 613 42.32 6.34 13.02
N PRO A 614 42.85 7.16 12.13
CA PRO A 614 42.74 8.61 12.34
C PRO A 614 41.29 9.06 12.22
N MET A 615 41.04 10.22 12.77
CA MET A 615 39.75 10.85 12.61
C MET A 615 39.50 11.15 11.13
N PRO A 616 38.23 11.25 10.71
CA PRO A 616 37.93 11.77 9.37
C PRO A 616 38.24 13.25 9.29
N PRO A 617 38.47 13.78 8.09
CA PRO A 617 38.46 15.24 7.95
C PRO A 617 37.08 15.80 8.26
N ASN A 618 37.05 16.87 9.04
CA ASN A 618 35.82 17.58 9.39
C ASN A 618 34.86 16.71 10.19
N CYS A 619 35.40 15.83 11.01
CA CYS A 619 34.53 15.00 11.83
C CYS A 619 33.98 15.82 13.01
N PRO A 620 32.79 15.50 13.50
CA PRO A 620 32.29 16.16 14.70
C PRO A 620 32.95 15.64 15.95
N PRO A 621 33.05 16.46 17.01
CA PRO A 621 33.73 16.06 18.23
C PRO A 621 33.05 14.91 18.93
N THR A 622 31.74 15.07 19.20
CA THR A 622 31.00 14.05 19.91
C THR A 622 30.95 12.77 19.08
N LEU A 623 30.93 12.91 17.76
CA LEU A 623 30.89 11.74 16.90
C LEU A 623 32.14 10.89 17.09
N TYR A 624 33.31 11.47 16.82
CA TYR A 624 34.52 10.68 17.02
C TYR A 624 34.73 10.32 18.48
N SER A 625 34.20 11.13 19.40
CA SER A 625 34.28 10.79 20.80
C SER A 625 33.61 9.46 21.06
N LEU A 626 32.41 9.28 20.53
CA LEU A 626 31.73 8.01 20.69
C LEU A 626 32.46 6.91 19.94
N MET A 627 33.06 7.23 18.79
CA MET A 627 33.82 6.21 18.08
C MET A 627 35.00 5.73 18.91
N THR A 628 35.61 6.63 19.64
CA THR A 628 36.73 6.25 20.48
C THR A 628 36.27 5.56 21.75
N LYS A 629 35.08 5.91 22.24
CA LYS A 629 34.47 5.09 23.28
C LYS A 629 34.34 3.66 22.79
N CYS A 630 34.00 3.48 21.52
CA CYS A 630 33.94 2.15 20.93
C CYS A 630 35.32 1.58 20.65
N TRP A 631 36.36 2.40 20.70
CA TRP A 631 37.75 1.95 20.53
C TRP A 631 38.41 1.55 21.84
N ALA A 632 37.65 1.12 22.84
CA ALA A 632 38.23 0.59 24.07
C ALA A 632 38.96 -0.71 23.75
N TYR A 633 40.30 -0.69 23.90
CA TYR A 633 41.10 -1.88 23.59
C TYR A 633 40.60 -3.09 24.38
N ASP A 634 40.22 -2.88 25.63
CA ASP A 634 39.55 -3.93 26.35
C ASP A 634 38.23 -4.17 25.64
N PRO A 635 38.03 -5.31 24.99
CA PRO A 635 36.75 -5.51 24.28
C PRO A 635 35.56 -5.50 25.21
N SER A 636 35.75 -5.87 26.47
CA SER A 636 34.65 -5.83 27.43
C SER A 636 34.19 -4.42 27.69
N ARG A 637 35.10 -3.46 27.65
CA ARG A 637 34.80 -2.11 28.10
C ARG A 637 34.14 -1.25 27.03
N ARG A 638 34.10 -1.71 25.80
CA ARG A 638 33.49 -0.92 24.75
C ARG A 638 31.99 -0.81 25.01
N PRO A 639 31.42 0.39 25.03
CA PRO A 639 30.07 0.55 25.60
C PRO A 639 28.97 -0.11 24.80
N ARG A 640 27.73 0.04 25.29
CA ARG A 640 26.60 -0.74 24.79
C ARG A 640 25.86 -0.02 23.67
N PHE A 641 24.99 -0.78 23.02
CA PHE A 641 24.21 -0.25 21.92
C PHE A 641 23.08 0.65 22.41
N THR A 642 22.58 0.45 23.63
CA THR A 642 21.63 1.42 24.18
C THR A 642 22.32 2.75 24.44
N GLU A 643 23.58 2.68 24.87
CA GLU A 643 24.37 3.90 25.00
C GLU A 643 24.56 4.55 23.64
N LEU A 644 24.84 3.76 22.60
CA LEU A 644 24.93 4.31 21.26
C LEU A 644 23.64 5.01 20.87
N LYS A 645 22.49 4.41 21.22
CA LYS A 645 21.20 5.00 20.88
C LYS A 645 21.04 6.37 21.54
N ALA A 646 21.16 6.42 22.87
CA ALA A 646 20.92 7.67 23.57
C ALA A 646 21.91 8.74 23.16
N GLN A 647 23.19 8.37 23.03
CA GLN A 647 24.21 9.34 22.64
C GLN A 647 23.92 9.89 21.25
N LEU A 648 23.89 9.03 20.22
CA LEU A 648 23.67 9.49 18.86
C LEU A 648 22.34 10.22 18.73
N SER A 649 21.34 9.84 19.54
CA SER A 649 20.09 10.59 19.58
C SER A 649 20.35 12.04 19.93
N THR A 650 20.94 12.27 21.10
CA THR A 650 21.19 13.65 21.52
C THR A 650 22.14 14.37 20.58
N ILE A 651 23.03 13.63 19.92
CA ILE A 651 23.96 14.26 18.97
C ILE A 651 23.18 14.80 17.79
N LEU A 652 22.27 14.00 17.24
CA LEU A 652 21.46 14.49 16.13
C LEU A 652 20.52 15.59 16.59
N GLU A 653 20.06 15.54 17.84
CA GLU A 653 19.28 16.64 18.39
C GLU A 653 20.04 17.94 18.29
N GLU A 654 21.28 17.94 18.78
CA GLU A 654 22.09 19.14 18.72
C GLU A 654 22.51 19.49 17.30
N GLU A 655 22.60 18.50 16.41
CA GLU A 655 22.91 18.82 15.02
C GLU A 655 21.77 19.59 14.38
N LYS A 656 20.54 19.09 14.54
CA LYS A 656 19.38 19.82 14.07
C LYS A 656 19.28 21.18 14.75
N LEU A 657 19.71 21.27 16.01
CA LEU A 657 19.80 22.56 16.66
C LEU A 657 20.83 23.45 15.97
N GLN A 658 21.87 22.85 15.40
CA GLN A 658 22.95 23.58 14.74
C GLN A 658 23.62 24.50 15.74
N ARG B 7 -8.75 12.86 20.42
CA ARG B 7 -8.84 13.31 19.00
C ARG B 7 -7.42 13.59 18.47
N VAL B 8 -7.00 12.86 17.44
CA VAL B 8 -5.65 13.02 16.84
C VAL B 8 -5.71 14.10 15.76
N LEU B 9 -4.55 14.53 15.26
CA LEU B 9 -4.46 15.55 14.23
C LEU B 9 -3.15 15.53 13.47
N LYS B 10 -3.27 15.81 12.17
CA LYS B 10 -2.13 15.90 11.26
C LYS B 10 -1.94 17.34 10.81
N VAL B 11 -0.71 17.81 10.84
CA VAL B 11 -0.34 19.14 10.36
C VAL B 11 1.03 19.04 9.71
N PHE B 12 1.20 19.75 8.59
CA PHE B 12 2.52 19.93 8.02
C PHE B 12 3.23 21.07 8.74
N HIS B 13 4.43 20.79 9.22
CA HIS B 13 5.28 21.72 9.92
C HIS B 13 6.46 22.07 9.01
N TYR B 14 7.27 23.04 9.42
CA TYR B 14 8.45 23.44 8.65
C TYR B 14 9.72 23.31 9.48
N PHE B 15 9.77 22.30 10.35
CA PHE B 15 11.01 21.83 10.95
C PHE B 15 11.69 20.86 10.00
N GLU B 16 13.02 20.92 9.95
CA GLU B 16 13.75 20.16 8.95
C GLU B 16 13.86 18.69 9.31
N ASN B 17 13.84 17.86 8.27
CA ASN B 17 14.07 16.43 8.37
C ASN B 17 14.75 15.97 7.08
N SER B 18 14.83 14.66 6.89
CA SER B 18 15.28 14.09 5.62
C SER B 18 14.16 13.94 4.61
N SER B 19 12.90 14.03 5.02
CA SER B 19 11.80 14.10 4.07
C SER B 19 11.94 15.37 3.23
N GLU B 20 11.10 15.47 2.20
CA GLU B 20 11.31 16.50 1.21
C GLU B 20 11.12 17.86 1.85
N PRO B 21 11.74 18.91 1.28
CA PRO B 21 11.68 20.24 1.90
C PRO B 21 10.26 20.74 2.11
N THR B 22 9.29 20.22 1.37
CA THR B 22 7.88 20.56 1.54
C THR B 22 7.09 19.37 2.07
N THR B 23 7.78 18.46 2.76
CA THR B 23 7.17 17.24 3.27
C THR B 23 7.59 17.04 4.70
N TRP B 24 7.40 18.08 5.49
CA TRP B 24 7.79 18.10 6.89
C TRP B 24 6.49 18.02 7.68
N ALA B 25 6.05 16.79 7.93
CA ALA B 25 4.73 16.50 8.50
C ALA B 25 4.88 15.77 9.83
N SER B 26 3.85 15.89 10.64
CA SER B 26 3.76 15.19 11.95
C SER B 26 2.29 15.00 12.29
N ILE B 27 2.00 14.14 13.24
CA ILE B 27 0.61 13.91 13.71
C ILE B 27 0.58 14.31 15.17
N ILE B 28 -0.38 15.13 15.58
CA ILE B 28 -0.41 15.45 17.04
C ILE B 28 -1.72 14.93 17.60
N ARG B 29 -1.67 14.25 18.75
CA ARG B 29 -2.90 13.75 19.40
C ARG B 29 -3.22 14.71 20.55
N HIS B 30 -4.40 15.34 20.53
CA HIS B 30 -4.85 16.34 21.54
C HIS B 30 -6.31 16.12 21.92
N GLY B 31 -6.70 16.60 23.11
CA GLY B 31 -8.06 16.53 23.66
C GLY B 31 -8.94 17.63 23.09
N ASP B 32 -10.25 17.56 23.33
CA ASP B 32 -11.20 18.58 22.79
C ASP B 32 -10.80 19.95 23.35
N ALA B 33 -10.44 20.01 24.64
CA ALA B 33 -10.03 21.27 25.30
C ALA B 33 -8.85 21.96 24.58
N THR B 34 -8.01 21.20 23.87
CA THR B 34 -6.81 21.77 23.19
C THR B 34 -7.22 22.86 22.19
N ASP B 35 -6.41 23.93 22.12
CA ASP B 35 -6.62 25.11 21.23
C ASP B 35 -5.41 25.27 20.30
N VAL B 36 -5.52 26.09 19.24
CA VAL B 36 -4.45 26.26 18.23
C VAL B 36 -3.20 26.79 18.96
N ARG B 37 -3.37 27.74 19.88
CA ARG B 37 -2.26 28.33 20.68
C ARG B 37 -1.59 27.21 21.50
N GLY B 38 -2.39 26.34 22.11
CA GLY B 38 -1.93 25.22 22.95
C GLY B 38 -1.16 24.17 22.16
N ILE B 39 -1.64 23.85 20.95
CA ILE B 39 -1.03 22.83 20.04
C ILE B 39 0.36 23.29 19.61
N ILE B 40 0.51 24.58 19.32
CA ILE B 40 1.76 25.17 18.88
C ILE B 40 2.81 25.04 19.96
N GLN B 41 2.40 25.02 21.23
CA GLN B 41 3.33 24.80 22.32
C GLN B 41 4.03 23.47 22.16
N LYS B 42 3.26 22.42 21.95
CA LYS B 42 3.84 21.10 21.67
C LYS B 42 4.75 21.17 20.45
N ILE B 43 4.28 21.85 19.41
CA ILE B 43 4.99 21.84 18.13
C ILE B 43 6.36 22.47 18.29
N VAL B 44 6.44 23.53 19.07
CA VAL B 44 7.70 24.25 19.23
C VAL B 44 8.58 23.56 20.24
N ASP B 45 7.98 23.02 21.29
CA ASP B 45 8.73 22.29 22.29
C ASP B 45 9.31 21.00 21.73
N CYS B 46 8.84 20.56 20.56
CA CYS B 46 9.53 19.49 19.85
C CYS B 46 10.95 19.86 19.50
N HIS B 47 11.27 21.17 19.41
CA HIS B 47 12.56 21.60 18.88
C HIS B 47 13.19 22.78 19.61
N LYS B 48 12.65 23.20 20.76
CA LYS B 48 13.28 24.22 21.61
C LYS B 48 13.43 25.55 20.86
N VAL B 49 12.30 26.14 20.55
CA VAL B 49 12.26 27.48 19.97
C VAL B 49 12.13 28.50 21.09
N LYS B 50 12.66 29.70 20.85
CA LYS B 50 12.72 30.76 21.85
C LYS B 50 11.48 31.62 21.91
N ASN B 51 10.39 31.21 21.26
CA ASN B 51 9.25 32.08 20.99
C ASN B 51 7.99 31.46 21.55
N VAL B 52 7.17 32.30 22.17
CA VAL B 52 6.01 31.84 22.92
C VAL B 52 4.70 32.25 22.23
N ALA B 53 4.67 33.41 21.61
CA ALA B 53 3.46 34.01 21.07
C ALA B 53 3.70 34.58 19.69
N CYS B 54 4.40 33.83 18.85
CA CYS B 54 4.85 34.31 17.55
C CYS B 54 4.24 33.55 16.38
N TYR B 55 4.39 32.23 16.34
CA TYR B 55 3.85 31.46 15.23
C TYR B 55 2.33 31.41 15.32
N GLY B 56 1.67 31.70 14.20
CA GLY B 56 0.24 31.52 14.07
C GLY B 56 -0.09 30.21 13.36
N LEU B 57 -1.39 29.99 13.19
CA LEU B 57 -1.91 28.81 12.50
C LEU B 57 -2.80 29.25 11.35
N ARG B 58 -2.58 28.66 10.18
CA ARG B 58 -3.36 28.91 8.98
C ARG B 58 -4.02 27.63 8.51
N LEU B 59 -5.33 27.71 8.27
CA LEU B 59 -6.08 26.67 7.56
C LEU B 59 -6.10 27.02 6.09
N SER B 60 -6.32 26.01 5.24
CA SER B 60 -6.18 26.22 3.80
C SER B 60 -6.90 25.14 3.01
N HIS B 61 -7.49 25.55 1.88
CA HIS B 61 -8.06 24.62 0.92
C HIS B 61 -6.98 24.20 -0.07
N LEU B 62 -6.93 22.89 -0.35
CA LEU B 62 -5.86 22.34 -1.19
C LEU B 62 -5.95 22.87 -2.61
N GLN B 63 -7.14 22.84 -3.19
CA GLN B 63 -7.35 23.18 -4.60
C GLN B 63 -7.81 24.61 -4.78
N SER B 64 -7.40 25.49 -3.87
CA SER B 64 -7.80 26.88 -3.93
C SER B 64 -6.80 27.71 -3.14
N GLU B 65 -6.82 29.02 -3.43
CA GLU B 65 -5.96 29.98 -2.75
C GLU B 65 -6.61 30.59 -1.53
N GLU B 66 -7.70 30.00 -1.05
CA GLU B 66 -8.37 30.46 0.15
C GLU B 66 -7.71 29.85 1.39
N VAL B 67 -7.52 30.66 2.42
CA VAL B 67 -6.93 30.22 3.67
C VAL B 67 -7.72 30.83 4.82
N HIS B 68 -7.42 30.36 6.03
CA HIS B 68 -8.10 30.86 7.23
C HIS B 68 -7.10 30.80 8.38
N TRP B 69 -6.53 31.94 8.73
CA TRP B 69 -5.80 32.07 9.98
C TRP B 69 -6.78 31.98 11.14
N LEU B 70 -6.36 31.33 12.22
CA LEU B 70 -7.28 30.93 13.27
C LEU B 70 -6.83 31.40 14.64
N HIS B 71 -7.83 31.70 15.46
CA HIS B 71 -7.68 32.29 16.78
C HIS B 71 -7.23 31.23 17.78
N LEU B 72 -6.71 31.69 18.91
CA LEU B 72 -5.97 30.84 19.84
C LEU B 72 -6.89 29.91 20.61
N ASP B 73 -7.80 30.47 21.42
CA ASP B 73 -8.60 29.68 22.35
C ASP B 73 -9.69 28.86 21.67
N MET B 74 -9.81 28.91 20.35
CA MET B 74 -10.75 28.07 19.64
C MET B 74 -10.45 26.60 19.91
N GLY B 75 -11.51 25.78 19.88
CA GLY B 75 -11.32 24.34 19.99
C GLY B 75 -10.91 23.73 18.66
N VAL B 76 -9.92 22.84 18.71
CA VAL B 76 -9.46 22.16 17.51
C VAL B 76 -10.62 21.43 16.84
N SER B 77 -11.29 20.57 17.61
CA SER B 77 -12.44 19.85 17.08
C SER B 77 -13.55 20.79 16.68
N ASN B 78 -13.68 21.94 17.35
CA ASN B 78 -14.70 22.90 16.94
C ASN B 78 -14.40 23.42 15.53
N VAL B 79 -13.13 23.66 15.22
CA VAL B 79 -12.75 24.05 13.87
C VAL B 79 -13.00 22.92 12.91
N ARG B 80 -12.53 21.73 13.28
CA ARG B 80 -12.59 20.60 12.37
C ARG B 80 -14.04 20.30 12.02
N GLU B 81 -14.93 20.41 12.99
CA GLU B 81 -16.35 20.45 12.69
C GLU B 81 -16.65 21.58 11.72
N LYS B 82 -16.52 22.83 12.21
CA LYS B 82 -17.10 24.00 11.56
C LYS B 82 -16.69 24.12 10.09
N PHE B 83 -15.59 23.48 9.70
CA PHE B 83 -15.09 23.56 8.35
C PHE B 83 -15.08 22.24 7.59
N GLU B 84 -14.81 21.10 8.21
CA GLU B 84 -14.95 19.85 7.47
C GLU B 84 -16.40 19.57 7.12
N LEU B 85 -17.36 20.09 7.90
CA LEU B 85 -18.75 19.95 7.49
C LEU B 85 -19.02 20.68 6.17
N ALA B 86 -18.15 21.60 5.78
CA ALA B 86 -18.27 22.28 4.49
C ALA B 86 -17.66 21.48 3.35
N HIS B 87 -16.47 20.91 3.56
CA HIS B 87 -15.79 20.17 2.51
C HIS B 87 -14.98 19.04 3.15
N PRO B 88 -14.60 18.02 2.37
CA PRO B 88 -13.87 16.89 2.95
C PRO B 88 -12.50 17.29 3.45
N PRO B 89 -11.85 16.43 4.24
CA PRO B 89 -10.48 16.73 4.68
C PRO B 89 -9.48 16.71 3.55
N GLU B 90 -9.80 16.10 2.41
CA GLU B 90 -9.02 16.29 1.20
C GLU B 90 -9.23 17.68 0.60
N GLU B 91 -10.07 18.52 1.20
CA GLU B 91 -10.26 19.91 0.79
C GLU B 91 -10.08 20.86 1.97
N TRP B 92 -9.28 20.46 2.96
CA TRP B 92 -8.89 21.32 4.07
C TRP B 92 -7.47 20.97 4.47
N LYS B 93 -6.76 21.94 5.03
CA LYS B 93 -5.35 21.72 5.38
C LYS B 93 -4.89 22.74 6.40
N TYR B 94 -4.48 22.25 7.56
CA TYR B 94 -3.80 23.10 8.54
C TYR B 94 -2.39 23.41 8.08
N GLU B 95 -1.91 24.58 8.50
CA GLU B 95 -0.59 25.06 8.10
C GLU B 95 -0.01 25.88 9.23
N LEU B 96 1.02 25.33 9.90
CA LEU B 96 1.71 26.06 10.95
C LEU B 96 2.72 27.00 10.32
N ARG B 97 2.64 28.28 10.69
CA ARG B 97 3.35 29.30 9.93
C ARG B 97 3.56 30.54 10.80
N ILE B 98 4.60 31.31 10.45
CA ILE B 98 4.68 32.70 10.87
C ILE B 98 3.66 33.52 10.11
N ARG B 99 3.10 34.50 10.82
CA ARG B 99 2.49 35.67 10.21
C ARG B 99 3.07 36.96 10.78
N TYR B 100 3.92 36.87 11.79
CA TYR B 100 4.31 37.98 12.64
C TYR B 100 5.81 38.14 12.69
N LEU B 101 6.25 39.38 12.81
CA LEU B 101 7.66 39.72 12.80
C LEU B 101 7.91 40.94 13.66
N PRO B 102 8.82 40.91 14.65
CA PRO B 102 9.15 42.14 15.37
C PRO B 102 9.90 43.11 14.47
N LYS B 103 10.34 44.25 15.01
CA LYS B 103 10.81 45.35 14.18
C LYS B 103 12.01 44.97 13.33
N GLY B 104 13.16 44.71 13.97
CA GLY B 104 14.32 44.22 13.27
C GLY B 104 14.32 42.72 13.39
N PHE B 105 13.27 42.10 12.83
CA PHE B 105 13.04 40.66 13.00
C PHE B 105 14.26 39.86 12.59
N LEU B 106 14.98 40.34 11.57
CA LEU B 106 16.26 39.74 11.21
C LEU B 106 17.15 39.63 12.44
N ASN B 107 17.17 40.67 13.26
CA ASN B 107 17.95 40.62 14.50
C ASN B 107 17.29 39.74 15.55
N GLN B 108 16.00 40.02 15.85
CA GLN B 108 15.36 39.35 16.98
C GLN B 108 15.28 37.84 16.80
N PHE B 109 15.34 37.36 15.56
CA PHE B 109 15.36 35.93 15.27
C PHE B 109 16.62 35.49 14.54
N THR B 110 17.60 36.38 14.38
CA THR B 110 18.97 35.94 14.17
C THR B 110 19.60 35.55 15.48
N GLU B 111 19.07 36.06 16.59
CA GLU B 111 19.33 35.46 17.89
C GLU B 111 18.47 34.23 18.18
N ASP B 112 17.68 33.74 17.20
CA ASP B 112 16.86 32.54 17.34
C ASP B 112 17.06 31.73 16.05
N LYS B 113 18.13 30.93 16.03
CA LYS B 113 18.53 30.14 14.87
C LYS B 113 17.50 29.11 14.40
N PRO B 114 16.79 28.39 15.28
CA PRO B 114 15.76 27.52 14.73
C PRO B 114 14.67 28.30 14.03
N THR B 115 14.25 29.40 14.63
CA THR B 115 13.29 30.28 13.98
C THR B 115 13.91 30.98 12.78
N LEU B 116 15.22 31.25 12.83
CA LEU B 116 15.92 31.80 11.68
C LEU B 116 15.69 30.91 10.46
N ASN B 117 16.07 29.64 10.58
CA ASN B 117 15.88 28.72 9.48
C ASN B 117 14.40 28.49 9.21
N PHE B 118 13.54 28.62 10.22
CA PHE B 118 12.11 28.40 10.03
C PHE B 118 11.53 29.41 9.07
N PHE B 119 11.61 30.69 9.43
CA PHE B 119 11.14 31.77 8.57
C PHE B 119 11.86 31.75 7.23
N TYR B 120 13.16 31.39 7.26
CA TYR B 120 13.94 31.28 6.03
C TYR B 120 13.29 30.33 5.06
N GLN B 121 13.17 29.07 5.45
CA GLN B 121 12.59 28.04 4.60
C GLN B 121 11.16 28.41 4.24
N GLN B 122 10.42 28.97 5.17
CA GLN B 122 9.02 29.31 4.95
C GLN B 122 8.87 30.28 3.78
N VAL B 123 9.46 31.46 3.93
CA VAL B 123 9.24 32.49 2.93
C VAL B 123 10.06 32.23 1.68
N LYS B 124 11.15 31.47 1.78
CA LYS B 124 11.83 30.97 0.59
C LYS B 124 10.91 30.05 -0.19
N ASN B 125 10.18 29.22 0.52
CA ASN B 125 9.19 28.40 -0.12
C ASN B 125 8.19 29.27 -0.86
N ASP B 126 7.51 30.17 -0.13
CA ASP B 126 6.56 31.12 -0.72
C ASP B 126 7.13 31.81 -1.94
N TYR B 127 8.41 32.15 -1.89
CA TYR B 127 9.08 32.71 -3.04
C TYR B 127 9.07 31.73 -4.20
N MET B 128 9.52 30.52 -3.95
CA MET B 128 9.53 29.52 -5.02
C MET B 128 8.13 29.23 -5.52
N LEU B 129 7.11 29.43 -4.68
CA LEU B 129 5.73 29.27 -5.11
C LEU B 129 5.35 30.36 -6.10
N GLU B 130 5.61 31.62 -5.76
CA GLU B 130 4.97 32.75 -6.44
C GLU B 130 5.87 33.46 -7.44
N ILE B 131 7.15 33.64 -7.13
CA ILE B 131 8.00 34.63 -7.79
C ILE B 131 9.23 34.01 -8.45
N ALA B 132 9.53 32.74 -8.17
CA ALA B 132 10.71 32.13 -8.76
C ALA B 132 10.63 32.10 -10.28
N ASP B 133 9.48 31.74 -10.83
CA ASP B 133 9.36 31.73 -12.28
C ASP B 133 9.36 33.13 -12.87
N GLN B 134 9.08 34.16 -12.05
CA GLN B 134 9.04 35.53 -12.55
C GLN B 134 10.41 36.17 -12.58
N VAL B 135 11.24 35.87 -11.57
CA VAL B 135 12.36 36.73 -11.21
C VAL B 135 13.40 36.80 -12.33
N ASP B 136 14.18 37.87 -12.27
CA ASP B 136 15.43 37.98 -13.01
C ASP B 136 16.31 36.75 -12.86
N GLN B 137 16.93 36.39 -13.99
CA GLN B 137 18.02 35.42 -14.06
C GLN B 137 19.05 35.62 -12.95
N GLU B 138 19.57 36.84 -12.86
CA GLU B 138 20.68 37.11 -11.95
C GLU B 138 20.26 36.89 -10.50
N ILE B 139 19.12 37.46 -10.13
CA ILE B 139 18.62 37.32 -8.76
C ILE B 139 18.40 35.85 -8.44
N ALA B 140 17.88 35.12 -9.41
CA ALA B 140 17.67 33.69 -9.21
C ALA B 140 18.98 32.99 -8.90
N LEU B 141 20.02 33.30 -9.66
CA LEU B 141 21.31 32.68 -9.42
C LEU B 141 21.86 33.07 -8.05
N LYS B 142 21.67 34.34 -7.68
CA LYS B 142 22.11 34.81 -6.37
C LYS B 142 21.51 33.95 -5.28
N LEU B 143 20.19 33.91 -5.26
CA LEU B 143 19.46 33.18 -4.24
C LEU B 143 19.84 31.70 -4.27
N GLY B 144 20.07 31.17 -5.47
CA GLY B 144 20.33 29.76 -5.58
C GLY B 144 21.70 29.36 -5.05
N CYS B 145 22.70 30.20 -5.27
CA CYS B 145 24.02 29.84 -4.78
C CYS B 145 24.16 30.15 -3.30
N LEU B 146 23.50 31.21 -2.82
CA LEU B 146 23.35 31.37 -1.37
C LEU B 146 22.65 30.15 -0.78
N GLU B 147 21.76 29.56 -1.54
CA GLU B 147 21.05 28.39 -1.05
C GLU B 147 21.92 27.14 -1.06
N ILE B 148 22.81 27.02 -2.04
CA ILE B 148 23.82 25.97 -2.01
C ILE B 148 24.61 26.10 -0.71
N ARG B 149 25.03 27.32 -0.40
CA ARG B 149 25.77 27.56 0.84
C ARG B 149 24.93 27.19 2.05
N ARG B 150 23.62 27.45 1.99
CA ARG B 150 22.75 27.09 3.10
C ARG B 150 22.77 25.58 3.31
N SER B 151 22.33 24.85 2.29
CA SER B 151 22.13 23.42 2.42
C SER B 151 23.44 22.72 2.75
N TYR B 152 24.52 23.16 2.13
CA TYR B 152 25.82 22.54 2.29
C TYR B 152 26.64 23.41 3.24
N GLY B 153 26.54 23.08 4.53
CA GLY B 153 27.11 23.92 5.57
C GLY B 153 28.60 23.69 5.80
N GLU B 154 29.09 22.49 5.47
CA GLU B 154 30.49 22.13 5.65
C GLU B 154 31.19 21.84 4.33
N MET B 155 30.62 22.28 3.22
CA MET B 155 31.18 22.00 1.91
C MET B 155 32.21 23.06 1.54
N ARG B 156 33.14 22.66 0.67
CA ARG B 156 34.22 23.54 0.26
C ARG B 156 33.70 24.67 -0.63
N GLY B 157 34.55 25.66 -0.80
CA GLY B 157 34.26 26.80 -1.65
C GLY B 157 34.71 26.57 -3.09
N ASN B 158 35.64 25.65 -3.28
CA ASN B 158 35.99 25.16 -4.60
C ASN B 158 35.23 23.89 -4.95
N ALA B 159 34.11 23.65 -4.28
CA ALA B 159 33.45 22.36 -4.35
C ALA B 159 32.88 22.08 -5.73
N LEU B 160 32.15 23.04 -6.30
CA LEU B 160 31.45 22.84 -7.56
C LEU B 160 32.30 23.24 -8.76
N GLU B 161 33.62 23.14 -8.66
CA GLU B 161 34.53 23.50 -9.73
C GLU B 161 34.79 22.37 -10.71
N LYS B 162 34.02 21.28 -10.65
CA LYS B 162 34.35 20.05 -11.35
C LYS B 162 33.30 19.64 -12.37
N LYS B 163 33.79 19.15 -13.52
CA LYS B 163 32.95 18.40 -14.44
C LYS B 163 32.20 17.29 -13.72
N SER B 164 32.90 16.61 -12.80
CA SER B 164 32.27 15.55 -12.03
C SER B 164 31.08 16.07 -11.23
N ASN B 165 31.28 17.15 -10.48
CA ASN B 165 30.19 17.73 -9.71
C ASN B 165 29.05 18.17 -10.61
N TYR B 166 29.36 18.70 -11.77
CA TYR B 166 28.29 19.07 -12.68
C TYR B 166 27.49 17.84 -13.09
N GLU B 167 28.19 16.74 -13.39
CA GLU B 167 27.51 15.49 -13.69
C GLU B 167 26.62 15.08 -12.52
N VAL B 168 27.09 15.31 -11.29
CA VAL B 168 26.28 15.02 -10.12
C VAL B 168 25.00 15.85 -10.17
N LEU B 169 25.17 17.17 -10.25
CA LEU B 169 24.02 18.06 -10.10
C LEU B 169 23.00 17.89 -11.21
N GLU B 170 23.41 17.40 -12.38
CA GLU B 170 22.46 17.17 -13.45
C GLU B 170 21.86 15.77 -13.44
N LYS B 171 22.68 14.74 -13.21
CA LYS B 171 22.22 13.36 -13.32
C LYS B 171 21.56 12.86 -12.04
N ASP B 172 21.83 13.48 -10.90
CA ASP B 172 21.38 13.00 -9.60
C ASP B 172 20.49 14.00 -8.89
N VAL B 173 20.92 15.25 -8.74
CA VAL B 173 20.21 16.19 -7.87
C VAL B 173 19.10 16.86 -8.66
N GLY B 174 19.47 17.66 -9.66
CA GLY B 174 18.48 18.43 -10.37
C GLY B 174 17.88 19.51 -9.48
N LEU B 175 17.40 20.59 -10.10
CA LEU B 175 17.16 21.82 -9.37
C LEU B 175 15.78 22.39 -9.64
N ARG B 176 14.77 21.51 -9.72
CA ARG B 176 13.40 21.96 -9.61
C ARG B 176 13.10 22.41 -8.20
N ARG B 177 13.81 21.86 -7.21
CA ARG B 177 13.67 22.34 -5.84
C ARG B 177 14.03 23.81 -5.74
N PHE B 178 15.04 24.22 -6.50
CA PHE B 178 15.84 25.38 -6.15
C PHE B 178 15.73 26.50 -7.18
N PHE B 179 15.82 26.20 -8.47
CA PHE B 179 15.70 27.18 -9.51
C PHE B 179 14.38 27.04 -10.25
N PRO B 180 13.93 28.07 -10.96
CA PRO B 180 12.62 27.99 -11.62
C PRO B 180 12.61 27.28 -12.96
N LYS B 181 11.42 26.75 -13.24
CA LYS B 181 11.08 26.26 -14.57
C LYS B 181 11.41 27.31 -15.63
N SER B 182 11.01 28.55 -15.36
CA SER B 182 11.16 29.64 -16.33
C SER B 182 12.60 29.78 -16.78
N LEU B 183 13.52 29.76 -15.83
CA LEU B 183 14.92 29.90 -16.17
C LEU B 183 15.45 28.63 -16.79
N LEU B 184 15.28 27.51 -16.09
CA LEU B 184 15.99 26.30 -16.47
C LEU B 184 15.57 25.81 -17.84
N ASP B 185 14.33 26.10 -18.24
CA ASP B 185 13.93 25.93 -19.62
C ASP B 185 14.10 27.23 -20.39
N SER B 186 15.26 27.86 -20.22
CA SER B 186 15.62 29.01 -21.03
C SER B 186 17.10 29.09 -21.37
N VAL B 187 17.92 28.14 -20.94
CA VAL B 187 19.37 28.29 -20.98
C VAL B 187 19.99 26.94 -21.35
N LYS B 188 21.08 27.01 -22.11
CA LYS B 188 21.85 25.84 -22.44
C LYS B 188 22.37 25.17 -21.18
N ALA B 189 22.66 23.87 -21.28
CA ALA B 189 23.26 23.16 -20.17
C ALA B 189 24.60 23.78 -19.77
N LYS B 190 25.49 23.98 -20.75
CA LYS B 190 26.81 24.54 -20.49
C LYS B 190 26.72 26.00 -20.05
N THR B 191 25.85 26.79 -20.68
CA THR B 191 25.66 28.16 -20.27
C THR B 191 25.20 28.22 -18.81
N LEU B 192 24.19 27.41 -18.48
CA LEU B 192 23.70 27.35 -17.12
C LEU B 192 24.79 26.93 -16.15
N ARG B 193 25.62 25.97 -16.56
CA ARG B 193 26.77 25.57 -15.76
C ARG B 193 27.61 26.77 -15.41
N LYS B 194 28.05 27.52 -16.43
CA LYS B 194 28.99 28.60 -16.19
C LYS B 194 28.35 29.74 -15.43
N LEU B 195 27.04 29.96 -15.60
CA LEU B 195 26.31 30.87 -14.74
C LEU B 195 26.48 30.47 -13.28
N ILE B 196 26.17 29.21 -12.99
CA ILE B 196 26.25 28.72 -11.63
C ILE B 196 27.68 28.81 -11.13
N GLN B 197 28.66 28.60 -12.02
CA GLN B 197 30.07 28.72 -11.65
C GLN B 197 30.36 30.12 -11.13
N GLN B 198 30.20 31.10 -12.01
CA GLN B 198 30.56 32.47 -11.69
C GLN B 198 29.80 32.98 -10.47
N THR B 199 28.56 32.52 -10.30
CA THR B 199 27.80 32.95 -9.14
C THR B 199 28.22 32.22 -7.87
N PHE B 200 28.74 31.00 -8.01
CA PHE B 200 29.27 30.25 -6.88
C PHE B 200 30.62 30.77 -6.43
N ARG B 201 31.33 31.48 -7.31
CA ARG B 201 32.64 31.99 -6.95
C ARG B 201 32.56 33.00 -5.83
N GLN B 202 31.51 33.82 -5.82
CA GLN B 202 31.54 35.04 -5.05
C GLN B 202 31.10 34.84 -3.59
N PHE B 203 30.10 33.98 -3.36
CA PHE B 203 29.64 33.66 -2.00
C PHE B 203 30.26 32.36 -1.51
N ALA B 204 31.51 32.12 -1.89
CA ALA B 204 32.09 30.79 -1.78
C ALA B 204 32.16 30.27 -0.36
N ASN B 205 32.18 31.14 0.65
CA ASN B 205 32.58 30.71 2.00
C ASN B 205 31.78 31.38 3.11
N LEU B 206 30.50 31.66 2.90
CA LEU B 206 29.70 32.20 3.97
C LEU B 206 29.32 31.05 4.92
N ASN B 207 28.36 31.30 5.80
CA ASN B 207 27.72 30.24 6.55
C ASN B 207 26.22 30.40 6.40
N ARG B 208 25.48 29.63 7.23
CA ARG B 208 24.03 29.71 7.26
C ARG B 208 23.62 31.14 7.53
N GLU B 209 23.84 31.61 8.75
CA GLU B 209 23.32 32.90 9.22
C GLU B 209 23.65 34.03 8.24
N GLU B 210 24.86 34.01 7.70
CA GLU B 210 25.29 35.03 6.76
C GLU B 210 24.48 34.98 5.48
N SER B 211 24.53 33.85 4.78
CA SER B 211 23.78 33.74 3.55
C SER B 211 22.28 33.89 3.77
N ILE B 212 21.81 33.55 4.97
CA ILE B 212 20.41 33.72 5.33
C ILE B 212 20.03 35.19 5.28
N LEU B 213 20.76 36.03 6.02
CA LEU B 213 20.42 37.44 6.00
C LEU B 213 20.65 38.05 4.61
N LYS B 214 21.57 37.48 3.82
CA LYS B 214 21.70 37.95 2.45
C LYS B 214 20.49 37.58 1.61
N PHE B 215 19.94 36.39 1.87
CA PHE B 215 18.70 35.98 1.20
C PHE B 215 17.60 36.98 1.46
N PHE B 216 17.49 37.44 2.70
CA PHE B 216 16.49 38.46 3.00
C PHE B 216 16.79 39.76 2.30
N GLU B 217 18.07 40.14 2.25
CA GLU B 217 18.44 41.36 1.55
C GLU B 217 18.07 41.30 0.08
N ILE B 218 18.18 40.13 -0.53
CA ILE B 218 17.85 40.00 -1.94
C ILE B 218 16.34 39.86 -2.17
N LEU B 219 15.59 39.39 -1.17
CA LEU B 219 14.14 39.39 -1.32
C LEU B 219 13.54 40.78 -1.13
N SER B 220 14.24 41.65 -0.40
CA SER B 220 13.78 43.02 -0.15
C SER B 220 13.42 43.80 -1.42
N PRO B 221 14.33 43.99 -2.37
CA PRO B 221 14.00 44.83 -3.54
C PRO B 221 12.86 44.29 -4.37
N VAL B 222 12.69 42.98 -4.41
CA VAL B 222 11.73 42.34 -5.30
C VAL B 222 10.44 41.94 -4.61
N TYR B 223 10.39 42.01 -3.28
CA TYR B 223 9.16 41.65 -2.59
C TYR B 223 9.23 42.13 -1.15
N ARG B 224 8.14 42.72 -0.69
CA ARG B 224 8.04 43.24 0.67
C ARG B 224 7.30 42.23 1.54
N PHE B 225 8.02 41.15 1.80
CA PHE B 225 7.64 40.12 2.75
C PHE B 225 7.49 40.61 4.17
N ASP B 226 7.92 41.83 4.47
CA ASP B 226 7.66 42.38 5.80
C ASP B 226 6.16 42.45 6.07
N LYS B 227 5.35 42.61 5.04
CA LYS B 227 3.91 42.76 5.17
C LYS B 227 3.20 41.84 4.19
N GLU B 228 1.89 41.77 4.38
CA GLU B 228 0.95 41.25 3.39
C GLU B 228 0.15 42.41 2.84
N CYS B 229 -0.56 42.16 1.74
CA CYS B 229 -1.27 43.20 1.02
C CYS B 229 -2.74 42.82 0.87
N PHE B 230 -3.61 43.64 1.48
CA PHE B 230 -5.05 43.45 1.44
C PHE B 230 -5.72 44.66 0.83
N LYS B 231 -6.83 44.41 0.14
CA LYS B 231 -7.67 45.47 -0.40
C LYS B 231 -8.82 45.76 0.54
N CYS B 232 -9.23 47.02 0.56
CA CYS B 232 -10.28 47.48 1.44
C CYS B 232 -10.66 48.89 1.01
N ALA B 233 -11.67 49.44 1.67
CA ALA B 233 -12.11 50.80 1.40
C ALA B 233 -12.54 51.43 2.71
N LEU B 234 -11.96 52.59 3.00
CA LEU B 234 -12.11 53.20 4.31
C LEU B 234 -12.83 54.52 4.19
N GLY B 235 -13.35 54.96 5.32
CA GLY B 235 -14.22 56.12 5.41
C GLY B 235 -15.38 55.66 6.26
N SER B 236 -15.64 56.39 7.33
CA SER B 236 -16.92 56.26 7.99
C SER B 236 -18.05 56.64 7.06
N SER B 237 -17.82 57.69 6.28
CA SER B 237 -18.88 58.51 5.76
C SER B 237 -18.87 58.69 4.25
N TRP B 238 -17.74 59.05 3.63
CA TRP B 238 -17.49 58.78 2.21
C TRP B 238 -16.37 57.76 2.18
N ILE B 239 -16.54 56.71 1.41
CA ILE B 239 -15.79 55.48 1.61
C ILE B 239 -14.99 55.18 0.36
N ILE B 240 -13.73 54.79 0.57
CA ILE B 240 -12.65 55.06 -0.36
C ILE B 240 -11.71 53.88 -0.46
N SER B 241 -11.67 53.26 -1.63
CA SER B 241 -10.85 52.09 -1.85
C SER B 241 -9.38 52.38 -1.63
N VAL B 242 -8.73 51.50 -0.88
CA VAL B 242 -7.29 51.50 -0.73
C VAL B 242 -6.82 50.05 -0.74
N GLU B 243 -5.51 49.85 -0.63
CA GLU B 243 -4.91 48.54 -0.45
C GLU B 243 -4.12 48.59 0.85
N LEU B 244 -4.78 48.25 1.95
CA LEU B 244 -4.19 48.40 3.28
C LEU B 244 -3.27 47.22 3.54
N ALA B 245 -1.99 47.40 3.18
CA ALA B 245 -0.94 46.41 3.40
C ALA B 245 -0.17 46.82 4.65
N ILE B 246 -0.29 46.01 5.70
CA ILE B 246 0.19 46.37 7.04
C ILE B 246 1.34 45.46 7.42
N GLY B 247 2.34 46.04 8.07
CA GLY B 247 3.48 45.29 8.54
C GLY B 247 4.21 46.03 9.65
N PRO B 248 5.12 45.33 10.33
CA PRO B 248 5.90 46.00 11.39
C PRO B 248 6.81 47.08 10.87
N GLU B 249 7.20 47.03 9.60
CA GLU B 249 8.14 48.01 9.05
C GLU B 249 7.58 49.43 9.09
N GLU B 250 6.26 49.58 9.17
CA GLU B 250 5.61 50.88 9.06
C GLU B 250 4.70 51.20 10.24
N GLY B 251 4.06 50.18 10.82
CA GLY B 251 2.98 50.40 11.75
C GLY B 251 1.64 50.29 11.05
N ILE B 252 1.00 51.43 10.77
CA ILE B 252 -0.21 51.48 9.95
C ILE B 252 -0.03 52.59 8.94
N SER B 253 -0.31 52.28 7.67
CA SER B 253 -0.13 53.22 6.57
C SER B 253 -1.02 52.73 5.42
N TYR B 254 -0.76 53.23 4.22
CA TYR B 254 -1.42 52.78 2.99
C TYR B 254 -0.70 53.40 1.82
N LEU B 255 -0.88 52.83 0.63
CA LEU B 255 -0.30 53.41 -0.56
C LEU B 255 -1.33 54.19 -1.37
N THR B 256 -0.82 55.17 -2.11
CA THR B 256 -1.51 55.78 -3.24
C THR B 256 -0.85 55.51 -4.57
N ASP B 257 0.34 54.88 -4.59
CA ASP B 257 0.99 54.42 -5.81
C ASP B 257 1.75 53.15 -5.49
N LYS B 258 2.32 52.54 -6.52
CA LYS B 258 3.04 51.28 -6.34
C LYS B 258 4.24 51.46 -5.43
N GLY B 259 5.21 52.25 -5.85
CA GLY B 259 6.44 52.44 -5.12
C GLY B 259 6.41 53.54 -4.08
N ALA B 260 5.23 54.06 -3.76
CA ALA B 260 5.14 55.13 -2.79
C ALA B 260 5.55 54.63 -1.40
N ASN B 261 6.07 55.55 -0.60
CA ASN B 261 6.22 55.30 0.83
C ASN B 261 4.84 55.50 1.43
N PRO B 262 4.20 54.47 1.98
CA PRO B 262 2.79 54.62 2.34
C PRO B 262 2.60 55.63 3.46
N THR B 263 1.66 56.54 3.22
CA THR B 263 1.34 57.62 4.15
C THR B 263 0.93 56.99 5.47
N HIS B 264 1.59 57.40 6.55
CA HIS B 264 1.43 56.73 7.82
C HIS B 264 0.19 57.21 8.56
N LEU B 265 -0.43 56.28 9.30
CA LEU B 265 -1.60 56.57 10.12
C LEU B 265 -1.35 56.33 11.60
N ALA B 266 -0.93 55.12 11.97
CA ALA B 266 -0.86 54.74 13.36
C ALA B 266 0.13 53.59 13.48
N ASP B 267 0.35 53.14 14.71
CA ASP B 267 1.32 52.11 15.00
C ASP B 267 0.67 51.04 15.86
N PHE B 268 1.29 49.87 15.85
CA PHE B 268 0.80 48.75 16.64
C PHE B 268 0.80 49.08 18.11
N ASN B 269 1.81 49.81 18.57
CA ASN B 269 1.85 50.22 19.97
C ASN B 269 0.71 51.17 20.30
N GLN B 270 0.19 51.89 19.31
CA GLN B 270 -0.93 52.78 19.54
C GLN B 270 -2.26 52.04 19.67
N VAL B 271 -2.32 50.79 19.21
CA VAL B 271 -3.58 50.08 19.16
C VAL B 271 -4.10 49.81 20.57
N GLN B 272 -5.43 49.78 20.71
CA GLN B 272 -6.09 49.42 21.96
C GLN B 272 -7.02 48.22 21.85
N THR B 273 -7.98 48.22 20.92
CA THR B 273 -9.05 47.21 20.91
C THR B 273 -9.37 46.73 19.50
N ILE B 274 -10.09 45.61 19.43
CA ILE B 274 -10.58 45.03 18.17
C ILE B 274 -12.02 44.57 18.39
N GLN B 275 -12.83 44.65 17.33
CA GLN B 275 -14.09 43.93 17.25
C GLN B 275 -14.55 43.93 15.80
N TYR B 276 -15.22 42.87 15.38
CA TYR B 276 -15.77 42.78 14.03
C TYR B 276 -17.16 42.18 14.04
N SER B 277 -17.85 42.37 12.92
CA SER B 277 -19.18 41.81 12.70
C SER B 277 -19.40 41.77 11.19
N ASN B 278 -20.58 41.26 10.80
CA ASN B 278 -20.94 41.26 9.39
C ASN B 278 -21.13 42.69 8.90
N SER B 279 -21.33 42.81 7.59
CA SER B 279 -21.51 44.11 7.00
C SER B 279 -22.82 44.74 7.47
N GLU B 280 -23.03 45.98 7.05
CA GLU B 280 -24.30 46.66 7.32
C GLU B 280 -25.45 46.03 6.55
N ASP B 281 -25.16 45.30 5.48
CA ASP B 281 -26.17 44.84 4.53
C ASP B 281 -25.86 43.40 4.15
N LYS B 282 -26.65 42.87 3.22
CA LYS B 282 -26.50 41.49 2.79
C LYS B 282 -25.28 41.27 1.90
N ASP B 283 -24.54 42.31 1.55
CA ASP B 283 -23.28 42.13 0.85
C ASP B 283 -22.35 41.28 1.70
N ARG B 284 -21.55 40.44 1.03
CA ARG B 284 -20.86 39.36 1.71
C ARG B 284 -19.61 39.82 2.45
N LYS B 285 -19.75 40.86 3.27
CA LYS B 285 -18.63 41.58 3.83
C LYS B 285 -18.77 41.69 5.34
N GLY B 286 -17.73 42.21 5.98
CA GLY B 286 -17.71 42.36 7.42
C GLY B 286 -17.05 43.65 7.83
N MET B 287 -17.47 44.16 8.97
CA MET B 287 -16.94 45.40 9.54
C MET B 287 -15.93 45.08 10.63
N LEU B 288 -15.07 46.05 10.91
CA LEU B 288 -13.96 45.85 11.85
C LEU B 288 -13.65 47.21 12.47
N GLN B 289 -14.19 47.45 13.66
CA GLN B 289 -13.88 48.66 14.40
C GLN B 289 -12.63 48.44 15.25
N LEU B 290 -11.88 49.52 15.47
CA LEU B 290 -10.66 49.50 16.24
C LEU B 290 -10.60 50.70 17.18
N LYS B 291 -9.60 50.67 18.07
CA LYS B 291 -9.26 51.81 18.91
C LYS B 291 -7.75 51.99 18.91
N ILE B 292 -7.31 53.22 18.64
CA ILE B 292 -5.91 53.58 18.54
C ILE B 292 -5.61 54.53 19.68
N ALA B 293 -4.34 54.58 20.08
CA ALA B 293 -3.92 55.29 21.28
C ALA B 293 -4.27 56.77 21.26
N GLY B 294 -5.15 57.19 22.16
CA GLY B 294 -5.40 58.58 22.43
C GLY B 294 -6.09 59.32 21.31
N ALA B 295 -7.32 58.93 21.02
CA ALA B 295 -8.15 59.65 20.07
C ALA B 295 -9.61 59.38 20.44
N PRO B 296 -10.56 60.24 20.03
CA PRO B 296 -11.98 59.87 20.13
C PRO B 296 -12.42 59.02 18.95
N GLU B 297 -11.47 58.38 18.29
CA GLU B 297 -11.52 58.22 16.85
C GLU B 297 -11.45 56.74 16.42
N PRO B 298 -12.56 56.13 15.94
CA PRO B 298 -12.47 54.79 15.35
C PRO B 298 -11.94 54.73 13.92
N LEU B 299 -10.87 53.96 13.69
CA LEU B 299 -10.49 53.56 12.32
C LEU B 299 -11.26 52.30 12.01
N THR B 300 -12.06 52.36 10.94
CA THR B 300 -12.91 51.24 10.54
C THR B 300 -12.54 50.84 9.11
N VAL B 301 -11.87 49.74 8.98
CA VAL B 301 -11.63 49.10 7.70
C VAL B 301 -12.85 48.26 7.37
N THR B 302 -13.09 48.08 6.08
CA THR B 302 -14.07 47.12 5.59
C THR B 302 -13.40 46.29 4.51
N ALA B 303 -13.52 44.97 4.63
CA ALA B 303 -12.91 44.02 3.73
C ALA B 303 -13.96 43.35 2.85
N PRO B 304 -13.56 42.69 1.77
CA PRO B 304 -14.54 41.95 0.95
C PRO B 304 -15.19 40.77 1.67
N SER B 305 -14.78 40.40 2.88
CA SER B 305 -15.36 39.26 3.57
C SER B 305 -15.22 39.39 5.07
N LEU B 306 -16.22 38.87 5.78
CA LEU B 306 -16.09 38.64 7.21
C LEU B 306 -14.90 37.74 7.52
N THR B 307 -14.60 36.81 6.61
CA THR B 307 -13.40 36.00 6.72
C THR B 307 -12.18 36.89 6.89
N ILE B 308 -12.01 37.86 6.01
CA ILE B 308 -10.84 38.72 6.08
C ILE B 308 -10.99 39.70 7.24
N ALA B 309 -12.22 40.01 7.65
CA ALA B 309 -12.41 40.81 8.86
C ALA B 309 -11.80 40.09 10.07
N GLU B 310 -12.12 38.82 10.22
CA GLU B 310 -11.55 38.03 11.29
C GLU B 310 -10.05 37.88 11.12
N ASN B 311 -9.58 37.76 9.87
CA ASN B 311 -8.16 37.58 9.64
C ASN B 311 -7.38 38.83 10.06
N MET B 312 -7.93 40.00 9.81
CA MET B 312 -7.27 41.23 10.22
C MET B 312 -7.46 41.50 11.71
N ALA B 313 -8.54 40.99 12.30
CA ALA B 313 -8.64 40.98 13.74
C ALA B 313 -7.51 40.18 14.36
N ASP B 314 -7.28 38.98 13.81
CA ASP B 314 -6.18 38.14 14.29
C ASP B 314 -4.84 38.79 14.01
N LEU B 315 -4.70 39.42 12.84
CA LEU B 315 -3.53 40.22 12.49
C LEU B 315 -3.17 41.16 13.62
N ILE B 316 -4.08 42.08 13.94
CA ILE B 316 -3.77 43.13 14.90
C ILE B 316 -3.55 42.54 16.28
N ASP B 317 -4.41 41.62 16.70
CA ASP B 317 -4.27 41.04 18.03
C ASP B 317 -2.95 40.29 18.17
N GLY B 318 -2.45 39.71 17.08
CA GLY B 318 -1.21 38.98 17.15
C GLY B 318 0.01 39.86 17.11
N TYR B 319 -0.05 41.01 16.44
CA TYR B 319 1.03 41.97 16.63
C TYR B 319 1.02 42.49 18.06
N CYS B 320 -0.15 42.63 18.66
CA CYS B 320 -0.20 43.05 20.05
C CYS B 320 0.49 42.02 20.94
N ARG B 321 0.15 40.74 20.75
CA ARG B 321 0.87 39.66 21.43
C ARG B 321 2.37 39.72 21.13
N LEU B 322 2.73 40.05 19.89
CA LEU B 322 4.10 40.06 19.41
C LEU B 322 4.97 41.07 20.14
N VAL B 323 4.66 42.35 19.94
CA VAL B 323 5.53 43.43 20.37
C VAL B 323 5.13 44.02 21.71
N ASN B 324 3.95 43.68 22.23
CA ASN B 324 3.59 43.94 23.61
C ASN B 324 3.53 42.62 24.38
N GLY B 325 3.36 42.74 25.70
CA GLY B 325 3.18 41.58 26.54
C GLY B 325 1.74 41.15 26.64
N ALA B 326 0.90 41.62 25.70
CA ALA B 326 -0.50 41.26 25.70
C ALA B 326 -0.66 39.76 25.49
N THR B 327 -1.55 39.15 26.27
CA THR B 327 -1.84 37.73 26.18
C THR B 327 -3.30 37.45 25.86
N GLN B 328 -4.21 38.30 26.30
CA GLN B 328 -5.63 38.13 26.03
C GLN B 328 -5.99 38.73 24.69
N SER B 329 -7.12 38.28 24.15
CA SER B 329 -7.59 38.77 22.87
C SER B 329 -8.19 40.16 23.02
N PHE B 330 -7.80 41.06 22.14
CA PHE B 330 -8.41 42.38 22.03
C PHE B 330 -9.63 42.37 21.12
N ILE B 331 -10.10 41.19 20.72
CA ILE B 331 -11.28 41.05 19.87
C ILE B 331 -12.48 41.01 20.79
N ILE B 332 -13.18 42.14 20.90
CA ILE B 332 -14.41 42.21 21.68
C ILE B 332 -15.53 41.63 20.81
N ARG B 333 -15.83 40.35 21.00
CA ARG B 333 -16.96 39.74 20.34
C ARG B 333 -18.24 40.00 21.13
N ASP B 367 -7.83 16.63 31.06
CA ASP B 367 -6.51 17.31 31.03
C ASP B 367 -6.05 17.43 29.57
N ASP B 368 -6.49 18.48 28.88
CA ASP B 368 -6.11 18.72 27.47
C ASP B 368 -4.59 18.63 27.32
N TYR B 369 -4.10 17.79 26.43
CA TYR B 369 -2.64 17.61 26.20
C TYR B 369 -2.41 16.89 24.87
N ALA B 370 -1.81 17.58 23.89
CA ALA B 370 -1.53 16.98 22.57
C ALA B 370 -0.10 16.42 22.56
N GLU B 371 0.06 15.17 22.09
CA GLU B 371 1.39 14.52 22.03
C GLU B 371 1.76 14.26 20.57
N ILE B 372 2.98 14.63 20.17
CA ILE B 372 3.45 14.42 18.77
C ILE B 372 3.52 12.91 18.48
N ILE B 373 2.84 12.46 17.44
CA ILE B 373 2.83 11.01 17.07
C ILE B 373 3.05 10.89 15.55
N SER B 383 -8.79 11.39 -1.55
CA SER B 383 -9.60 11.44 -2.80
C SER B 383 -9.70 12.88 -3.31
N THR B 384 -9.20 13.12 -4.53
CA THR B 384 -9.20 14.44 -5.22
C THR B 384 -8.31 15.46 -4.51
N ARG B 385 -7.03 15.54 -4.91
CA ARG B 385 -6.08 16.50 -4.30
C ARG B 385 -4.95 16.83 -5.30
N ASP B 386 -4.09 17.79 -4.96
CA ASP B 386 -2.96 18.21 -5.83
C ASP B 386 -1.85 17.17 -5.72
N TYR B 387 -1.27 16.77 -6.87
CA TYR B 387 -0.19 15.75 -6.87
C TYR B 387 1.14 16.38 -7.32
N GLU B 388 2.19 16.19 -6.51
CA GLU B 388 3.55 16.72 -6.82
C GLU B 388 4.41 15.53 -7.28
N ILE B 389 5.03 15.64 -8.46
CA ILE B 389 5.85 14.51 -8.99
C ILE B 389 7.27 14.99 -9.31
N GLN B 390 8.27 14.37 -8.67
CA GLN B 390 9.70 14.70 -8.91
C GLN B 390 10.33 13.59 -9.76
N ARG B 391 11.65 13.66 -10.00
CA ARG B 391 12.29 12.62 -10.80
C ARG B 391 13.14 11.64 -9.99
N GLU B 392 13.57 12.02 -8.79
CA GLU B 392 14.61 11.24 -8.11
C GLU B 392 14.13 9.89 -7.65
N ARG B 393 12.82 9.70 -7.51
CA ARG B 393 12.26 8.51 -6.85
C ARG B 393 11.94 7.41 -7.84
N ILE B 394 12.71 7.32 -8.92
CA ILE B 394 12.29 6.59 -10.11
C ILE B 394 13.33 5.53 -10.47
N GLU B 395 12.83 4.34 -10.83
CA GLU B 395 13.65 3.36 -11.51
C GLU B 395 13.61 3.61 -13.01
N LEU B 396 14.76 3.42 -13.64
CA LEU B 396 14.89 3.46 -15.10
C LEU B 396 15.14 2.04 -15.56
N GLY B 397 14.07 1.33 -15.86
CA GLY B 397 14.12 -0.09 -16.18
C GLY B 397 14.36 -0.37 -17.65
N ARG B 398 13.91 -1.55 -18.08
CA ARG B 398 14.20 -2.06 -19.41
C ARG B 398 13.05 -1.75 -20.36
N CYS B 399 13.32 -1.94 -21.65
CA CYS B 399 12.30 -1.74 -22.67
C CYS B 399 11.19 -2.77 -22.49
N ILE B 400 9.95 -2.29 -22.58
CA ILE B 400 8.78 -3.15 -22.40
C ILE B 400 7.83 -3.00 -23.59
N GLY B 401 8.37 -2.67 -24.76
CA GLY B 401 7.60 -2.65 -25.99
C GLY B 401 8.00 -1.48 -26.87
N GLU B 402 7.14 -1.22 -27.86
CA GLU B 402 7.36 -0.15 -28.84
C GLU B 402 6.00 0.40 -29.21
N GLY B 403 5.68 1.61 -28.72
CA GLY B 403 4.33 2.13 -28.73
C GLY B 403 4.09 3.19 -29.79
N GLN B 404 3.03 3.97 -29.59
CA GLN B 404 2.59 4.94 -30.58
C GLN B 404 3.40 6.23 -30.48
N PHE B 405 3.33 6.93 -29.35
CA PHE B 405 4.18 8.11 -29.14
C PHE B 405 5.64 7.72 -29.20
N GLY B 406 6.01 6.62 -28.57
CA GLY B 406 7.37 6.15 -28.64
C GLY B 406 7.56 4.91 -27.80
N ASP B 407 8.83 4.57 -27.55
CA ASP B 407 9.14 3.43 -26.72
C ASP B 407 8.60 3.66 -25.31
N VAL B 408 8.53 2.57 -24.54
CA VAL B 408 7.89 2.56 -23.23
C VAL B 408 8.75 1.73 -22.30
N HIS B 409 8.72 2.10 -21.02
CA HIS B 409 9.55 1.47 -20.00
C HIS B 409 8.72 1.29 -18.74
N GLN B 410 9.28 0.55 -17.80
CA GLN B 410 8.71 0.38 -16.48
C GLN B 410 9.65 0.98 -15.44
N GLY B 411 9.14 1.15 -14.23
CA GLY B 411 9.96 1.66 -13.16
C GLY B 411 9.15 1.85 -11.90
N ILE B 412 9.72 2.62 -10.97
CA ILE B 412 9.24 2.71 -9.59
C ILE B 412 8.92 4.16 -9.26
N TYR B 413 8.10 4.36 -8.24
CA TYR B 413 7.93 5.64 -7.59
C TYR B 413 7.90 5.45 -6.09
N MET B 414 8.29 6.50 -5.35
CA MET B 414 8.25 6.50 -3.90
C MET B 414 7.48 7.71 -3.39
N SER B 415 6.75 7.56 -2.27
CA SER B 415 5.90 8.63 -1.68
C SER B 415 5.64 8.31 -0.21
N PRO B 416 5.28 9.27 0.67
CA PRO B 416 5.03 8.95 2.09
C PRO B 416 3.81 8.06 2.35
N GLU B 417 2.67 8.34 1.70
CA GLU B 417 1.44 7.53 1.94
C GLU B 417 1.63 6.08 1.48
N ASN B 418 2.15 5.90 0.26
CA ASN B 418 2.43 4.55 -0.30
C ASN B 418 3.72 4.64 -1.12
N PRO B 419 4.78 3.83 -0.91
CA PRO B 419 6.00 3.94 -1.70
C PRO B 419 6.57 2.72 -2.41
N ALA B 420 7.45 2.92 -3.39
CA ALA B 420 8.10 1.80 -4.05
C ALA B 420 7.17 1.10 -5.04
N MET B 421 6.22 1.84 -5.58
CA MET B 421 5.22 1.26 -6.49
C MET B 421 5.84 1.13 -7.87
N ALA B 422 6.07 -0.09 -8.32
CA ALA B 422 6.58 -0.31 -9.66
C ALA B 422 5.45 -0.17 -10.67
N VAL B 423 5.75 0.43 -11.81
CA VAL B 423 4.73 0.92 -12.74
C VAL B 423 5.22 0.76 -14.17
N ALA B 424 4.31 1.00 -15.11
CA ALA B 424 4.67 1.27 -16.49
C ALA B 424 4.89 2.76 -16.67
N ILE B 425 5.68 3.10 -17.67
CA ILE B 425 6.08 4.48 -17.91
C ILE B 425 5.94 4.72 -19.40
N LYS B 426 4.83 5.34 -19.80
CA LYS B 426 4.59 5.65 -21.20
C LYS B 426 5.41 6.86 -21.59
N THR B 427 6.10 6.76 -22.73
CA THR B 427 7.10 7.73 -23.14
C THR B 427 6.95 7.97 -24.64
N CYS B 428 7.89 8.73 -25.21
CA CYS B 428 7.93 9.08 -26.65
C CYS B 428 9.37 9.09 -27.16
N LYS B 429 9.59 8.75 -28.44
CA LYS B 429 10.92 8.73 -29.09
C LYS B 429 11.45 10.16 -29.24
N ASN B 430 10.59 11.10 -29.68
CA ASN B 430 10.94 12.53 -29.89
C ASN B 430 9.90 13.44 -29.23
N CYS B 431 10.32 14.48 -28.49
CA CYS B 431 9.45 15.47 -27.81
C CYS B 431 9.61 16.86 -28.46
N THR B 432 10.20 16.92 -29.66
CA THR B 432 10.53 18.15 -30.41
C THR B 432 9.27 18.95 -30.79
N SER B 433 8.19 18.28 -31.21
CA SER B 433 6.92 18.91 -31.66
C SER B 433 5.97 19.13 -30.48
N ASP B 434 5.53 20.37 -30.29
CA ASP B 434 4.61 20.76 -29.21
C ASP B 434 3.21 20.20 -29.41
N SER B 435 2.83 19.85 -30.64
CA SER B 435 1.51 19.24 -30.86
C SER B 435 1.47 17.83 -30.26
N VAL B 436 2.49 17.02 -30.57
CA VAL B 436 2.58 15.71 -29.96
C VAL B 436 2.73 15.85 -28.46
N ARG B 437 3.47 16.86 -28.02
CA ARG B 437 3.56 17.14 -26.59
C ARG B 437 2.18 17.39 -26.00
N GLU B 438 1.37 18.18 -26.68
CA GLU B 438 0.06 18.53 -26.15
C GLU B 438 -0.85 17.33 -26.10
N LYS B 439 -0.75 16.43 -27.08
CA LYS B 439 -1.58 15.23 -27.04
C LYS B 439 -1.09 14.25 -25.98
N PHE B 440 0.23 14.16 -25.84
CA PHE B 440 0.87 13.44 -24.76
C PHE B 440 0.42 13.97 -23.40
N LEU B 441 0.16 15.27 -23.31
CA LEU B 441 -0.46 15.85 -22.11
C LEU B 441 -1.93 15.53 -22.04
N GLN B 442 -2.58 15.49 -23.20
CA GLN B 442 -4.02 15.46 -23.27
C GLN B 442 -4.54 14.12 -22.79
N GLU B 443 -3.88 13.05 -23.18
CA GLU B 443 -4.27 11.73 -22.68
C GLU B 443 -4.18 11.71 -21.15
N ALA B 444 -3.14 12.32 -20.61
CA ALA B 444 -2.95 12.35 -19.18
C ALA B 444 -4.08 13.11 -18.50
N LEU B 445 -4.32 14.33 -18.95
CA LEU B 445 -5.34 15.14 -18.31
C LEU B 445 -6.73 14.57 -18.54
N THR B 446 -6.92 13.88 -19.67
CA THR B 446 -8.15 13.18 -19.93
C THR B 446 -8.40 12.14 -18.86
N MET B 447 -7.46 11.22 -18.72
CA MET B 447 -7.62 10.17 -17.73
C MET B 447 -7.51 10.68 -16.31
N ARG B 448 -7.11 11.94 -16.11
CA ARG B 448 -7.05 12.50 -14.77
C ARG B 448 -8.40 12.46 -14.09
N GLN B 449 -9.38 13.11 -14.69
CA GLN B 449 -10.59 13.49 -13.97
C GLN B 449 -11.52 12.32 -13.68
N PHE B 450 -11.16 11.10 -14.06
CA PHE B 450 -11.96 9.94 -13.70
C PHE B 450 -11.69 9.52 -12.26
N ASP B 451 -12.58 8.66 -11.75
CA ASP B 451 -12.44 8.12 -10.40
C ASP B 451 -13.16 6.77 -10.39
N HIS B 452 -12.38 5.69 -10.50
CA HIS B 452 -12.95 4.36 -10.73
C HIS B 452 -11.88 3.31 -10.50
N PRO B 453 -12.23 2.11 -9.99
CA PRO B 453 -11.20 1.06 -9.88
C PRO B 453 -10.68 0.58 -11.22
N HIS B 454 -11.55 0.04 -12.06
CA HIS B 454 -11.14 -0.60 -13.29
C HIS B 454 -10.95 0.37 -14.44
N ILE B 455 -10.79 1.64 -14.16
CA ILE B 455 -10.09 2.53 -15.08
C ILE B 455 -8.61 2.43 -14.75
N VAL B 456 -7.78 2.32 -15.78
CA VAL B 456 -6.34 2.40 -15.56
C VAL B 456 -5.98 3.79 -15.08
N LYS B 457 -5.17 3.87 -14.03
CA LYS B 457 -4.95 5.11 -13.29
C LYS B 457 -3.51 5.60 -13.47
N LEU B 458 -3.36 6.73 -14.14
CA LEU B 458 -2.17 7.56 -13.98
C LEU B 458 -2.08 8.01 -12.53
N ILE B 459 -0.86 8.36 -12.12
CA ILE B 459 -0.63 8.93 -10.80
C ILE B 459 -0.07 10.34 -10.96
N GLY B 460 0.66 10.59 -12.03
CA GLY B 460 1.04 11.94 -12.37
C GLY B 460 2.22 11.96 -13.33
N VAL B 461 2.90 13.12 -13.35
CA VAL B 461 3.76 13.51 -14.45
C VAL B 461 5.00 14.24 -13.96
N ILE B 462 6.01 14.28 -14.82
CA ILE B 462 7.18 15.15 -14.67
C ILE B 462 7.26 15.97 -15.94
N THR B 463 6.91 17.25 -15.85
CA THR B 463 6.61 18.06 -17.03
C THR B 463 7.84 18.81 -17.55
N GLU B 464 9.02 18.20 -17.46
CA GLU B 464 10.20 18.66 -18.18
C GLU B 464 10.64 17.59 -19.17
N ASN B 465 11.36 18.03 -20.19
CA ASN B 465 11.86 17.11 -21.19
C ASN B 465 12.95 16.24 -20.59
N PRO B 466 12.91 14.91 -20.77
CA PRO B 466 11.88 14.06 -21.37
C PRO B 466 10.72 13.82 -20.42
N VAL B 467 9.55 14.39 -20.74
CA VAL B 467 8.38 14.20 -19.91
C VAL B 467 7.95 12.75 -19.96
N TRP B 468 7.59 12.20 -18.80
CA TRP B 468 7.28 10.79 -18.64
C TRP B 468 5.91 10.65 -18.01
N ILE B 469 5.47 9.39 -17.90
CA ILE B 469 4.13 9.05 -17.45
C ILE B 469 4.24 8.01 -16.35
N ILE B 470 3.27 8.01 -15.45
CA ILE B 470 3.19 7.03 -14.38
C ILE B 470 1.91 6.19 -14.52
N MET B 471 1.97 5.16 -15.34
CA MET B 471 0.86 4.23 -15.49
C MET B 471 1.07 3.06 -14.56
N GLU B 472 0.20 2.92 -13.55
CA GLU B 472 0.25 1.74 -12.70
C GLU B 472 0.15 0.50 -13.58
N LEU B 473 1.13 -0.39 -13.43
CA LEU B 473 1.56 -1.24 -14.52
C LEU B 473 0.45 -2.14 -15.04
N CYS B 474 0.29 -2.16 -16.36
CA CYS B 474 -0.45 -3.22 -17.04
C CYS B 474 0.49 -4.41 -17.10
N THR B 475 0.30 -5.34 -16.17
CA THR B 475 1.36 -6.25 -15.78
C THR B 475 1.57 -7.33 -16.83
N LEU B 476 0.57 -8.16 -17.06
CA LEU B 476 0.70 -9.23 -18.02
C LEU B 476 0.58 -8.74 -19.45
N GLY B 477 0.22 -7.47 -19.66
CA GLY B 477 0.49 -6.81 -20.92
C GLY B 477 -0.64 -6.99 -21.92
N GLU B 478 -0.27 -7.30 -23.15
CA GLU B 478 -1.20 -7.30 -24.28
C GLU B 478 -2.17 -8.47 -24.17
N LEU B 479 -3.46 -8.16 -23.95
CA LEU B 479 -4.47 -9.21 -23.79
C LEU B 479 -4.54 -10.11 -25.02
N ARG B 480 -4.18 -9.59 -26.20
CA ARG B 480 -4.25 -10.38 -27.41
C ARG B 480 -3.33 -11.59 -27.32
N SER B 481 -2.01 -11.36 -27.35
CA SER B 481 -1.06 -12.46 -27.33
C SER B 481 -1.19 -13.28 -26.06
N PHE B 482 -1.53 -12.60 -24.96
CA PHE B 482 -1.85 -13.23 -23.69
C PHE B 482 -2.84 -14.37 -23.87
N LEU B 483 -4.02 -14.06 -24.37
CA LEU B 483 -5.02 -15.09 -24.56
C LEU B 483 -4.69 -16.00 -25.74
N GLN B 484 -3.87 -15.55 -26.69
CA GLN B 484 -3.44 -16.42 -27.78
C GLN B 484 -2.61 -17.57 -27.22
N VAL B 485 -1.68 -17.26 -26.32
CA VAL B 485 -0.84 -18.28 -25.73
C VAL B 485 -1.63 -19.11 -24.74
N ARG B 486 -2.62 -18.50 -24.08
CA ARG B 486 -3.41 -19.18 -23.05
C ARG B 486 -4.72 -19.70 -23.61
N LYS B 487 -4.66 -20.20 -24.85
CA LYS B 487 -5.85 -20.66 -25.56
C LYS B 487 -6.53 -21.81 -24.83
N PHE B 488 -5.80 -22.90 -24.62
CA PHE B 488 -6.39 -24.18 -24.20
C PHE B 488 -6.44 -24.32 -22.70
N SER B 489 -6.57 -23.21 -21.98
CA SER B 489 -6.31 -23.19 -20.55
C SER B 489 -7.32 -22.41 -19.74
N LEU B 490 -8.16 -21.58 -20.35
CA LEU B 490 -8.90 -20.55 -19.64
C LEU B 490 -10.38 -20.88 -19.61
N ASP B 491 -11.08 -20.10 -18.80
CA ASP B 491 -12.43 -20.40 -18.38
C ASP B 491 -13.40 -19.30 -18.81
N LEU B 492 -14.53 -19.77 -19.32
CA LEU B 492 -15.52 -18.90 -19.92
C LEU B 492 -16.13 -17.95 -18.91
N ALA B 493 -16.22 -18.36 -17.65
CA ALA B 493 -16.69 -17.46 -16.62
C ALA B 493 -15.77 -16.26 -16.51
N SER B 494 -14.46 -16.49 -16.60
CA SER B 494 -13.53 -15.38 -16.58
C SER B 494 -13.68 -14.52 -17.81
N LEU B 495 -14.01 -15.13 -18.94
CA LEU B 495 -14.28 -14.31 -20.12
C LEU B 495 -15.53 -13.45 -19.91
N ILE B 496 -16.56 -14.02 -19.29
CA ILE B 496 -17.76 -13.24 -18.97
C ILE B 496 -17.39 -12.08 -18.07
N LEU B 497 -16.46 -12.31 -17.16
CA LEU B 497 -16.09 -11.25 -16.24
C LEU B 497 -15.23 -10.18 -16.91
N TYR B 498 -14.40 -10.58 -17.87
CA TYR B 498 -13.72 -9.61 -18.73
C TYR B 498 -14.75 -8.67 -19.32
N ALA B 499 -15.75 -9.26 -19.98
CA ALA B 499 -16.79 -8.46 -20.61
C ALA B 499 -17.53 -7.62 -19.58
N TYR B 500 -17.74 -8.15 -18.39
CA TYR B 500 -18.49 -7.44 -17.36
C TYR B 500 -17.75 -6.19 -16.92
N GLN B 501 -16.48 -6.36 -16.61
CA GLN B 501 -15.69 -5.24 -16.12
C GLN B 501 -15.58 -4.17 -17.20
N LEU B 502 -15.34 -4.59 -18.45
CA LEU B 502 -15.26 -3.61 -19.53
C LEU B 502 -16.60 -2.92 -19.72
N SER B 503 -17.68 -3.65 -19.49
CA SER B 503 -19.01 -3.07 -19.57
C SER B 503 -19.16 -1.95 -18.57
N THR B 504 -18.86 -2.23 -17.32
CA THR B 504 -18.98 -1.22 -16.27
C THR B 504 -18.09 -0.02 -16.57
N ALA B 505 -16.92 -0.29 -17.16
CA ALA B 505 -15.96 0.78 -17.45
C ALA B 505 -16.50 1.74 -18.49
N LEU B 506 -16.79 1.23 -19.68
CA LEU B 506 -17.25 2.11 -20.74
C LEU B 506 -18.63 2.67 -20.42
N ALA B 507 -19.40 1.98 -19.56
CA ALA B 507 -20.62 2.56 -19.03
C ALA B 507 -20.33 3.81 -18.21
N TYR B 508 -19.28 3.76 -17.39
CA TYR B 508 -18.92 4.94 -16.62
C TYR B 508 -18.42 6.06 -17.54
N LEU B 509 -17.74 5.71 -18.64
CA LEU B 509 -17.39 6.73 -19.64
C LEU B 509 -18.63 7.46 -20.08
N GLU B 510 -19.66 6.71 -20.49
CA GLU B 510 -20.88 7.37 -20.95
C GLU B 510 -21.54 8.17 -19.83
N SER B 511 -21.46 7.68 -18.59
CA SER B 511 -21.99 8.45 -17.48
C SER B 511 -21.27 9.77 -17.32
N LYS B 512 -20.01 9.85 -17.79
CA LYS B 512 -19.27 11.10 -17.78
C LYS B 512 -18.70 11.45 -19.17
N ARG B 513 -19.22 10.81 -20.21
CA ARG B 513 -19.25 11.36 -21.58
C ARG B 513 -17.84 11.64 -22.13
N PHE B 514 -17.13 10.56 -22.41
CA PHE B 514 -16.00 10.61 -23.31
C PHE B 514 -16.09 9.51 -24.36
N VAL B 515 -15.58 9.81 -25.55
CA VAL B 515 -15.62 8.94 -26.70
C VAL B 515 -14.19 8.61 -27.11
N HIS B 516 -13.93 7.32 -27.34
CA HIS B 516 -12.59 6.81 -27.58
C HIS B 516 -12.27 6.60 -29.06
N ARG B 517 -13.22 6.05 -29.83
CA ARG B 517 -13.16 5.90 -31.29
C ARG B 517 -12.22 4.81 -31.78
N ASP B 518 -11.39 4.25 -30.91
CA ASP B 518 -10.33 3.34 -31.33
C ASP B 518 -10.15 2.21 -30.33
N ILE B 519 -11.26 1.74 -29.75
CA ILE B 519 -11.19 0.68 -28.75
C ILE B 519 -10.76 -0.61 -29.45
N ALA B 520 -9.78 -1.30 -28.87
CA ALA B 520 -9.21 -2.50 -29.48
C ALA B 520 -8.68 -3.43 -28.39
N ALA B 521 -8.58 -4.72 -28.75
CA ALA B 521 -7.98 -5.68 -27.83
C ALA B 521 -6.53 -5.34 -27.56
N ARG B 522 -5.82 -4.89 -28.59
CA ARG B 522 -4.46 -4.40 -28.38
C ARG B 522 -4.46 -3.17 -27.50
N ASN B 523 -5.57 -2.44 -27.43
CA ASN B 523 -5.73 -1.35 -26.48
C ASN B 523 -6.27 -1.81 -25.14
N VAL B 524 -6.98 -2.92 -25.08
CA VAL B 524 -7.25 -3.55 -23.79
C VAL B 524 -5.92 -4.01 -23.21
N LEU B 525 -5.76 -3.82 -21.91
CA LEU B 525 -4.51 -4.13 -21.25
C LEU B 525 -4.80 -4.74 -19.89
N VAL B 526 -3.84 -5.54 -19.42
CA VAL B 526 -4.10 -6.54 -18.40
C VAL B 526 -3.33 -6.22 -17.14
N SER B 527 -3.95 -6.55 -16.02
CA SER B 527 -3.31 -6.62 -14.72
C SER B 527 -3.15 -8.03 -14.21
N ALA B 528 -4.13 -8.90 -14.46
CA ALA B 528 -4.18 -10.18 -13.77
C ALA B 528 -5.11 -11.12 -14.52
N THR B 529 -5.28 -12.31 -13.95
CA THR B 529 -6.34 -13.23 -14.33
C THR B 529 -7.69 -12.83 -13.75
N ASP B 530 -7.75 -11.73 -12.99
CA ASP B 530 -9.01 -11.23 -12.46
C ASP B 530 -9.10 -9.71 -12.54
N CYS B 531 -8.33 -9.08 -13.44
CA CYS B 531 -8.39 -7.64 -13.60
C CYS B 531 -7.72 -7.22 -14.90
N VAL B 532 -8.54 -6.58 -15.73
CA VAL B 532 -8.17 -5.96 -17.04
C VAL B 532 -8.68 -4.52 -16.94
N LYS B 533 -7.79 -3.53 -17.08
CA LYS B 533 -8.13 -2.09 -16.91
C LYS B 533 -8.11 -1.37 -18.25
N LEU B 534 -9.08 -0.47 -18.45
CA LEU B 534 -9.17 0.31 -19.72
C LEU B 534 -7.86 1.08 -19.86
N GLY B 535 -7.27 1.08 -21.06
CA GLY B 535 -5.97 1.73 -21.30
C GLY B 535 -5.91 2.57 -22.57
N ASP B 536 -4.80 3.33 -22.70
CA ASP B 536 -4.42 4.24 -23.84
C ASP B 536 -5.01 5.65 -23.68
N PHE B 537 -6.21 5.87 -24.24
CA PHE B 537 -6.87 7.20 -24.15
C PHE B 537 -5.95 8.27 -24.77
N GLY B 538 -5.72 8.17 -26.09
CA GLY B 538 -4.86 9.12 -26.81
C GLY B 538 -5.51 9.65 -28.07
N LEU B 539 -5.08 10.82 -28.54
CA LEU B 539 -5.64 11.45 -29.76
C LEU B 539 -4.57 11.47 -30.85
N SER B 540 -4.92 10.99 -32.05
CA SER B 540 -3.99 10.95 -33.20
C SER B 540 -4.75 11.24 -34.50
N ARG B 541 -4.33 12.25 -35.25
CA ARG B 541 -5.01 12.62 -36.53
C ARG B 541 -3.97 12.75 -37.65
N TYR B 542 -4.38 12.49 -38.90
CA TYR B 542 -5.77 12.07 -39.21
C TYR B 542 -5.73 10.87 -40.16
N LYS B 553 -3.47 8.27 -42.17
CA LYS B 553 -4.71 8.16 -42.99
C LYS B 553 -5.19 6.71 -43.02
N GLY B 554 -4.36 5.81 -43.55
CA GLY B 554 -4.72 4.37 -43.63
C GLY B 554 -3.57 3.48 -43.17
N LYS B 555 -3.85 2.23 -42.81
CA LYS B 555 -5.22 1.64 -42.70
C LYS B 555 -5.85 1.97 -41.34
N LEU B 556 -7.09 1.50 -41.13
CA LEU B 556 -7.86 1.71 -39.88
C LEU B 556 -8.37 0.35 -39.39
N PRO B 557 -8.74 0.16 -38.10
CA PRO B 557 -9.24 -1.14 -37.66
C PRO B 557 -10.69 -1.24 -38.15
N ILE B 558 -10.81 -1.41 -39.48
CA ILE B 558 -12.06 -1.47 -40.23
C ILE B 558 -12.93 -2.62 -39.75
N LYS B 559 -12.34 -3.79 -39.53
CA LYS B 559 -13.12 -4.94 -39.10
C LYS B 559 -13.74 -4.70 -37.73
N TRP B 560 -13.11 -3.87 -36.91
CA TRP B 560 -13.70 -3.49 -35.65
C TRP B 560 -14.76 -2.43 -35.81
N MET B 561 -14.59 -1.54 -36.78
CA MET B 561 -15.35 -0.31 -36.84
C MET B 561 -16.73 -0.55 -37.41
N ALA B 562 -17.61 0.45 -37.22
CA ALA B 562 -19.00 0.43 -37.66
C ALA B 562 -19.15 1.09 -39.02
N PRO B 563 -20.25 0.80 -39.74
CA PRO B 563 -20.36 1.30 -41.12
C PRO B 563 -20.39 2.80 -41.23
N GLU B 564 -21.09 3.47 -40.33
CA GLU B 564 -21.17 4.92 -40.36
C GLU B 564 -19.78 5.53 -40.31
N SER B 565 -18.92 4.99 -39.45
CA SER B 565 -17.57 5.50 -39.35
C SER B 565 -16.79 5.18 -40.60
N ILE B 566 -16.85 3.92 -41.05
CA ILE B 566 -16.09 3.48 -42.23
C ILE B 566 -16.45 4.33 -43.43
N ASN B 567 -17.68 4.82 -43.50
CA ASN B 567 -18.13 5.58 -44.65
C ASN B 567 -17.81 7.07 -44.52
N PHE B 568 -18.27 7.72 -43.44
CA PHE B 568 -18.17 9.17 -43.36
C PHE B 568 -17.77 9.65 -41.96
N ARG B 569 -16.96 8.89 -41.25
CA ARG B 569 -16.32 9.35 -40.02
C ARG B 569 -17.34 9.76 -38.95
N ARG B 570 -18.45 9.04 -38.88
CA ARG B 570 -19.43 9.23 -37.81
C ARG B 570 -19.03 8.40 -36.61
N PHE B 571 -19.04 9.00 -35.42
CA PHE B 571 -18.54 8.35 -34.20
C PHE B 571 -19.42 8.77 -33.03
N THR B 572 -20.22 7.82 -32.54
CA THR B 572 -21.13 8.08 -31.43
C THR B 572 -21.22 6.81 -30.58
N SER B 573 -22.18 6.80 -29.65
CA SER B 573 -22.43 5.63 -28.81
C SER B 573 -22.73 4.40 -29.65
N ALA B 574 -23.24 4.57 -30.87
CA ALA B 574 -23.54 3.43 -31.72
C ALA B 574 -22.27 2.68 -32.10
N SER B 575 -21.34 3.38 -32.75
CA SER B 575 -20.06 2.77 -33.08
C SER B 575 -19.32 2.34 -31.84
N ASP B 576 -19.55 3.03 -30.72
CA ASP B 576 -18.96 2.60 -29.46
C ASP B 576 -19.44 1.21 -29.10
N VAL B 577 -20.75 0.99 -29.14
CA VAL B 577 -21.30 -0.32 -28.82
C VAL B 577 -20.82 -1.36 -29.83
N TRP B 578 -20.63 -0.97 -31.09
CA TRP B 578 -20.18 -1.95 -32.10
C TRP B 578 -18.75 -2.39 -31.87
N MET B 579 -17.86 -1.44 -31.61
CA MET B 579 -16.48 -1.80 -31.37
C MET B 579 -16.33 -2.52 -30.04
N PHE B 580 -17.17 -2.18 -29.04
CA PHE B 580 -17.24 -3.00 -27.84
C PHE B 580 -17.71 -4.39 -28.17
N GLY B 581 -18.61 -4.51 -29.15
CA GLY B 581 -19.05 -5.81 -29.59
C GLY B 581 -17.95 -6.63 -30.18
N VAL B 582 -17.17 -6.04 -31.10
CA VAL B 582 -16.06 -6.77 -31.69
C VAL B 582 -15.02 -7.08 -30.63
N CYS B 583 -14.89 -6.20 -29.64
CA CYS B 583 -13.94 -6.44 -28.56
C CYS B 583 -14.35 -7.67 -27.76
N MET B 584 -15.59 -7.67 -27.25
CA MET B 584 -16.13 -8.85 -26.58
C MET B 584 -15.98 -10.08 -27.45
N TRP B 585 -16.34 -9.96 -28.73
CA TRP B 585 -16.27 -11.09 -29.63
C TRP B 585 -14.87 -11.68 -29.65
N GLU B 586 -13.90 -10.91 -30.16
CA GLU B 586 -12.54 -11.38 -30.33
C GLU B 586 -11.94 -11.90 -29.03
N ILE B 587 -12.29 -11.30 -27.89
CA ILE B 587 -11.82 -11.85 -26.63
C ILE B 587 -12.42 -13.23 -26.42
N LEU B 588 -13.73 -13.34 -26.65
CA LEU B 588 -14.42 -14.60 -26.48
C LEU B 588 -14.06 -15.61 -27.55
N MET B 589 -13.35 -15.20 -28.59
CA MET B 589 -12.96 -16.08 -29.67
C MET B 589 -11.79 -16.98 -29.31
N HIS B 590 -11.31 -16.92 -28.08
CA HIS B 590 -9.95 -17.32 -27.76
C HIS B 590 -8.97 -16.56 -28.66
N GLY B 591 -9.31 -15.31 -28.96
CA GLY B 591 -8.39 -14.42 -29.64
C GLY B 591 -8.36 -14.53 -31.14
N VAL B 592 -9.35 -15.17 -31.75
CA VAL B 592 -9.37 -15.33 -33.20
C VAL B 592 -9.90 -14.05 -33.83
N LYS B 593 -9.12 -13.47 -34.73
CA LYS B 593 -9.46 -12.22 -35.39
C LYS B 593 -10.62 -12.44 -36.35
N PRO B 594 -11.26 -11.37 -36.81
CA PRO B 594 -12.27 -11.51 -37.87
C PRO B 594 -11.66 -11.64 -39.25
N PHE B 595 -12.24 -12.54 -40.05
CA PHE B 595 -12.08 -12.57 -41.50
C PHE B 595 -10.60 -12.69 -41.90
N GLN B 596 -10.02 -13.83 -41.56
CA GLN B 596 -8.60 -14.02 -41.80
C GLN B 596 -8.30 -14.05 -43.29
N GLY B 597 -7.28 -13.30 -43.71
CA GLY B 597 -6.91 -13.23 -45.11
C GLY B 597 -7.84 -12.42 -45.98
N VAL B 598 -8.73 -11.63 -45.40
CA VAL B 598 -9.71 -10.84 -46.14
C VAL B 598 -9.27 -9.39 -46.15
N LYS B 599 -9.68 -8.66 -47.19
CA LYS B 599 -9.40 -7.24 -47.27
C LYS B 599 -10.27 -6.45 -46.30
N ASN B 600 -9.81 -5.27 -45.92
CA ASN B 600 -10.65 -4.33 -45.22
C ASN B 600 -11.66 -3.65 -46.14
N ASN B 601 -11.59 -3.90 -47.44
CA ASN B 601 -12.47 -3.23 -48.40
C ASN B 601 -13.85 -3.86 -48.42
N ASP B 602 -13.90 -5.18 -48.53
CA ASP B 602 -15.18 -5.90 -48.60
C ASP B 602 -15.91 -5.93 -47.26
N VAL B 603 -15.28 -5.46 -46.18
CA VAL B 603 -15.91 -5.48 -44.87
C VAL B 603 -17.20 -4.69 -44.90
N ILE B 604 -17.15 -3.47 -45.42
CA ILE B 604 -18.33 -2.61 -45.43
C ILE B 604 -19.38 -3.19 -46.34
N GLY B 605 -18.96 -3.79 -47.47
CA GLY B 605 -19.90 -4.38 -48.38
C GLY B 605 -20.65 -5.53 -47.75
N ARG B 606 -19.95 -6.33 -46.95
CA ARG B 606 -20.59 -7.49 -46.36
C ARG B 606 -21.44 -7.12 -45.16
N ILE B 607 -21.09 -6.06 -44.44
CA ILE B 607 -21.99 -5.59 -43.39
C ILE B 607 -23.28 -5.08 -44.01
N GLU B 608 -23.15 -4.19 -45.00
CA GLU B 608 -24.34 -3.66 -45.65
C GLU B 608 -25.11 -4.72 -46.41
N ASN B 609 -24.48 -5.85 -46.75
CA ASN B 609 -25.18 -7.04 -47.17
C ASN B 609 -25.85 -7.76 -46.02
N GLY B 610 -25.69 -7.28 -44.78
CA GLY B 610 -26.21 -7.93 -43.61
C GLY B 610 -25.39 -9.09 -43.11
N GLU B 611 -24.29 -9.43 -43.77
CA GLU B 611 -23.48 -10.55 -43.34
C GLU B 611 -22.82 -10.21 -42.01
N ARG B 612 -22.92 -11.14 -41.06
CA ARG B 612 -22.44 -10.95 -39.70
C ARG B 612 -21.46 -12.05 -39.36
N LEU B 613 -20.77 -11.84 -38.25
CA LEU B 613 -19.77 -12.80 -37.82
C LEU B 613 -20.47 -14.05 -37.27
N PRO B 614 -19.96 -15.24 -37.54
CA PRO B 614 -20.57 -16.43 -36.94
C PRO B 614 -20.39 -16.43 -35.43
N MET B 615 -21.22 -17.21 -34.79
CA MET B 615 -21.08 -17.43 -33.36
C MET B 615 -19.74 -18.12 -33.08
N PRO B 616 -19.18 -17.97 -31.88
CA PRO B 616 -18.05 -18.80 -31.47
C PRO B 616 -18.46 -20.24 -31.27
N PRO B 617 -17.53 -21.19 -31.37
CA PRO B 617 -17.84 -22.53 -30.87
C PRO B 617 -18.09 -22.51 -29.38
N ASN B 618 -19.16 -23.19 -28.96
CA ASN B 618 -19.53 -23.34 -27.55
C ASN B 618 -19.87 -22.00 -26.90
N CYS B 619 -20.45 -21.10 -27.67
CA CYS B 619 -20.84 -19.83 -27.09
C CYS B 619 -22.12 -19.98 -26.26
N PRO B 620 -22.30 -19.18 -25.22
CA PRO B 620 -23.55 -19.22 -24.49
C PRO B 620 -24.68 -18.53 -25.24
N PRO B 621 -25.93 -18.94 -25.00
CA PRO B 621 -27.07 -18.38 -25.74
C PRO B 621 -27.27 -16.91 -25.44
N THR B 622 -27.38 -16.57 -24.16
CA THR B 622 -27.62 -15.19 -23.77
C THR B 622 -26.45 -14.32 -24.18
N LEU B 623 -25.25 -14.88 -24.18
CA LEU B 623 -24.08 -14.11 -24.56
C LEU B 623 -24.18 -13.67 -26.01
N TYR B 624 -24.28 -14.63 -26.93
CA TYR B 624 -24.40 -14.22 -28.32
C TYR B 624 -25.69 -13.48 -28.58
N SER B 625 -26.73 -13.73 -27.77
CA SER B 625 -27.96 -12.98 -27.90
C SER B 625 -27.69 -11.50 -27.71
N LEU B 626 -26.96 -11.16 -26.66
CA LEU B 626 -26.62 -9.76 -26.43
C LEU B 626 -25.69 -9.24 -27.52
N MET B 627 -24.80 -10.10 -28.03
CA MET B 627 -23.92 -9.66 -29.11
C MET B 627 -24.73 -9.30 -30.34
N THR B 628 -25.80 -10.06 -30.59
CA THR B 628 -26.63 -9.78 -31.74
C THR B 628 -27.54 -8.60 -31.49
N LYS B 629 -27.94 -8.38 -30.23
CA LYS B 629 -28.57 -7.12 -29.88
C LYS B 629 -27.66 -5.96 -30.26
N CYS B 630 -26.36 -6.13 -30.05
CA CYS B 630 -25.40 -5.12 -30.46
C CYS B 630 -25.16 -5.12 -31.97
N TRP B 631 -25.61 -6.16 -32.68
CA TRP B 631 -25.52 -6.22 -34.13
C TRP B 631 -26.74 -5.63 -34.84
N ALA B 632 -27.43 -4.67 -34.22
CA ALA B 632 -28.50 -3.96 -34.90
C ALA B 632 -27.92 -3.14 -36.04
N TYR B 633 -28.25 -3.50 -37.28
CA TYR B 633 -27.72 -2.78 -38.43
C TYR B 633 -28.02 -1.29 -38.35
N ASP B 634 -29.20 -0.95 -37.86
CA ASP B 634 -29.46 0.44 -37.55
C ASP B 634 -28.53 0.81 -36.41
N PRO B 635 -27.54 1.68 -36.64
CA PRO B 635 -26.62 1.99 -35.54
C PRO B 635 -27.33 2.65 -34.36
N SER B 636 -28.44 3.35 -34.62
CA SER B 636 -29.18 3.97 -33.54
C SER B 636 -29.79 2.95 -32.61
N ARG B 637 -30.18 1.79 -33.14
CA ARG B 637 -30.96 0.82 -32.40
C ARG B 637 -30.13 -0.10 -31.54
N ARG B 638 -28.82 -0.08 -31.70
CA ARG B 638 -27.98 -0.96 -30.91
C ARG B 638 -28.03 -0.52 -29.45
N PRO B 639 -28.33 -1.42 -28.50
CA PRO B 639 -28.73 -0.96 -27.16
C PRO B 639 -27.61 -0.29 -26.37
N ARG B 640 -27.93 0.10 -25.14
CA ARG B 640 -27.06 0.96 -24.35
C ARG B 640 -26.11 0.17 -23.47
N PHE B 641 -25.14 0.89 -22.92
CA PHE B 641 -24.15 0.29 -22.06
C PHE B 641 -24.72 -0.01 -20.67
N THR B 642 -25.73 0.73 -20.22
CA THR B 642 -26.40 0.34 -18.98
C THR B 642 -27.16 -0.96 -19.18
N GLU B 643 -27.73 -1.15 -20.37
CA GLU B 643 -28.34 -2.43 -20.71
C GLU B 643 -27.29 -3.53 -20.71
N LEU B 644 -26.11 -3.24 -21.29
CA LEU B 644 -25.03 -4.23 -21.24
C LEU B 644 -24.68 -4.59 -19.80
N LYS B 645 -24.66 -3.58 -18.92
CA LYS B 645 -24.33 -3.85 -17.52
C LYS B 645 -25.35 -4.79 -16.89
N ALA B 646 -26.62 -4.42 -16.92
CA ALA B 646 -27.63 -5.23 -16.25
C ALA B 646 -27.71 -6.63 -16.84
N GLN B 647 -27.68 -6.72 -18.18
CA GLN B 647 -27.74 -8.02 -18.83
C GLN B 647 -26.57 -8.91 -18.43
N LEU B 648 -25.34 -8.47 -18.73
CA LEU B 648 -24.17 -9.27 -18.42
C LEU B 648 -24.07 -9.57 -16.93
N SER B 649 -24.56 -8.66 -16.08
CA SER B 649 -24.65 -8.93 -14.66
C SER B 649 -25.47 -10.18 -14.40
N THR B 650 -26.72 -10.18 -14.84
CA THR B 650 -27.57 -11.33 -14.60
C THR B 650 -27.04 -12.58 -15.28
N ILE B 651 -26.33 -12.42 -16.40
CA ILE B 651 -25.76 -13.58 -17.09
C ILE B 651 -24.70 -14.22 -16.23
N LEU B 652 -23.81 -13.42 -15.66
CA LEU B 652 -22.79 -13.98 -14.79
C LEU B 652 -23.41 -14.53 -13.51
N GLU B 653 -24.51 -13.92 -13.05
CA GLU B 653 -25.24 -14.47 -11.91
C GLU B 653 -25.67 -15.90 -12.22
N GLU B 654 -26.31 -16.11 -13.36
CA GLU B 654 -26.74 -17.46 -13.72
C GLU B 654 -25.57 -18.37 -14.06
N GLU B 655 -24.44 -17.81 -14.51
CA GLU B 655 -23.28 -18.66 -14.75
C GLU B 655 -22.75 -19.22 -13.45
N LYS B 656 -22.57 -18.35 -12.46
CA LYS B 656 -22.18 -18.80 -11.13
C LYS B 656 -23.21 -19.75 -10.55
N LEU B 657 -24.49 -19.54 -10.88
CA LEU B 657 -25.51 -20.50 -10.50
C LEU B 657 -25.29 -21.84 -11.21
N GLN B 658 -24.71 -21.81 -12.41
CA GLN B 658 -24.48 -23.01 -13.20
C GLN B 658 -25.80 -23.70 -13.49
#